data_5S81
#
_entry.id   5S81
#
_cell.length_a   127.326
_cell.length_b   84.704
_cell.length_c   88.116
_cell.angle_alpha   90.000
_cell.angle_beta   130.990
_cell.angle_gamma   90.000
#
_symmetry.space_group_name_H-M   'C 1 2 1'
#
loop_
_entity.id
_entity.type
_entity.pdbx_description
1 polymer 'Activin receptor type-1'
2 non-polymer 4-methyl-3-[4-(1-methylpiperidin-4-yl)phenyl]-5-(3,4,5-trimethoxyphenyl)pyridine
3 non-polymer 1,2-ETHANEDIOL
4 non-polymer 'DIMETHYL SULFOXIDE'
5 non-polymer 'L(+)-TARTARIC ACID'
6 non-polymer imidazolidin-2-one
7 non-polymer 'SULFATE ION'
8 water water
#
_entity_poly.entity_id   1
_entity_poly.type   'polypeptide(L)'
_entity_poly.pdbx_seq_one_letter_code
;SMQRTVARDITLLECVGKGRYGEVWRGSWQGENVAVKIFSSRDEKSWFRETELYNTVMLRHENILGFIASDMTSRHSSTQ
LWLITHYHEMGSLYDYLQLTTLDTVSCLRIVLSIASGLAHLHIEIFGTQGKPAIAHRDLKSKNILVKKNGQCCIADLGLA
VMHSQSTNQLDVGNNPRVGTKRYMAPEVLDETIQVDCFDSYKRVDIWAFGLVLWEVARRMVSNGIVEDYKPPFYDVVPND
PSFEDMRKVVCVDQQRPNIPNRWFSDPTLTSLAKLMKECWYQNPSARLTALRIKKTLTKID
;
_entity_poly.pdbx_strand_id   A,B
#
loop_
_chem_comp.id
_chem_comp.type
_chem_comp.name
_chem_comp.formula
DMS non-polymer 'DIMETHYL SULFOXIDE' 'C2 H6 O S'
EDO non-polymer 1,2-ETHANEDIOL 'C2 H6 O2'
LU8 non-polymer 4-methyl-3-[4-(1-methylpiperidin-4-yl)phenyl]-5-(3,4,5-trimethoxyphenyl)pyridine 'C27 H32 N2 O3'
SO4 non-polymer 'SULFATE ION' 'O4 S -2'
TLA non-polymer 'L(+)-TARTARIC ACID' 'C4 H6 O6'
XJV non-polymer imidazolidin-2-one 'C3 H6 N2 O'
#
# COMPACT_ATOMS: atom_id res chain seq x y z
N ARG A 4 24.36 1.61 34.45
CA ARG A 4 22.91 1.26 34.36
C ARG A 4 22.80 -0.28 34.35
N THR A 5 21.66 -0.77 34.83
CA THR A 5 21.35 -2.20 35.03
C THR A 5 20.75 -2.71 33.74
N VAL A 6 21.21 -3.87 33.25
CA VAL A 6 20.61 -4.56 32.09
C VAL A 6 20.04 -5.90 32.60
N ALA A 7 18.73 -5.92 32.88
CA ALA A 7 18.06 -7.12 33.45
C ALA A 7 17.76 -8.06 32.27
N ARG A 8 18.60 -9.05 32.08
CA ARG A 8 18.60 -9.98 30.93
C ARG A 8 17.81 -11.24 31.28
N ASP A 9 17.69 -11.57 32.57
CA ASP A 9 17.14 -12.89 32.94
C ASP A 9 15.70 -13.00 32.46
N ILE A 10 15.39 -14.12 31.83
CA ILE A 10 14.00 -14.50 31.44
C ILE A 10 13.70 -15.79 32.17
N THR A 11 12.64 -15.82 32.95
CA THR A 11 12.17 -17.03 33.67
C THR A 11 11.32 -17.86 32.71
N LEU A 12 11.69 -19.12 32.50
CA LEU A 12 10.90 -20.06 31.71
C LEU A 12 9.82 -20.65 32.62
N LEU A 13 8.55 -20.57 32.24
CA LEU A 13 7.43 -20.92 33.15
C LEU A 13 6.73 -22.20 32.70
N GLU A 14 6.36 -22.34 31.42
CA GLU A 14 5.74 -23.61 30.95
C GLU A 14 6.08 -23.83 29.49
N CYS A 15 6.28 -25.09 29.14
CA CYS A 15 6.53 -25.51 27.74
C CYS A 15 5.21 -25.55 26.99
N VAL A 16 5.10 -24.79 25.88
CA VAL A 16 3.85 -24.73 25.06
C VAL A 16 4.08 -25.39 23.69
N GLY A 17 5.26 -25.96 23.44
CA GLY A 17 5.56 -26.63 22.17
C GLY A 17 6.87 -27.36 22.25
N LYS A 18 6.90 -28.58 21.73
CA LYS A 18 8.12 -29.41 21.70
C LYS A 18 8.04 -30.13 20.38
N GLY A 19 9.10 -30.09 19.61
CA GLY A 19 9.21 -30.79 18.32
C GLY A 19 10.66 -31.08 18.01
N ARG A 20 10.93 -31.38 16.75
CA ARG A 20 12.31 -31.54 16.22
C ARG A 20 13.02 -30.16 16.19
N TYR A 21 12.29 -29.06 15.95
CA TYR A 21 12.86 -27.67 15.92
C TYR A 21 13.53 -27.32 17.27
N GLY A 22 13.09 -27.99 18.35
CA GLY A 22 13.40 -27.61 19.73
C GLY A 22 12.13 -27.45 20.55
N GLU A 23 12.07 -26.41 21.38
CA GLU A 23 10.92 -26.15 22.30
C GLU A 23 10.50 -24.68 22.25
N VAL A 24 9.22 -24.38 22.50
CA VAL A 24 8.79 -23.00 22.84
C VAL A 24 8.19 -23.04 24.25
N TRP A 25 8.54 -22.04 25.01
CA TRP A 25 8.15 -21.80 26.41
C TRP A 25 7.43 -20.47 26.52
N ARG A 26 6.41 -20.44 27.38
CA ARG A 26 5.95 -19.19 27.98
C ARG A 26 7.02 -18.80 28.99
N GLY A 27 7.53 -17.58 28.90
CA GLY A 27 8.45 -17.07 29.91
C GLY A 27 8.03 -15.72 30.41
N SER A 28 8.77 -15.21 31.38
CA SER A 28 8.46 -13.93 32.04
C SER A 28 9.70 -13.06 32.00
N TRP A 29 9.52 -11.80 31.63
CA TRP A 29 10.59 -10.77 31.71
C TRP A 29 10.01 -9.50 32.29
N GLN A 30 10.45 -9.06 33.48
CA GLN A 30 9.95 -7.80 34.08
C GLN A 30 8.42 -7.84 34.16
N GLY A 31 7.87 -8.98 34.58
CA GLY A 31 6.44 -9.14 34.86
C GLY A 31 5.59 -9.34 33.63
N GLU A 32 6.18 -9.48 32.43
CA GLU A 32 5.45 -9.58 31.14
C GLU A 32 5.69 -10.95 30.53
N ASN A 33 4.65 -11.57 29.99
CA ASN A 33 4.86 -12.83 29.21
C ASN A 33 5.68 -12.52 27.95
N VAL A 34 6.60 -13.42 27.68
CA VAL A 34 7.29 -13.51 26.37
C VAL A 34 7.25 -14.97 25.93
N ALA A 35 7.47 -15.20 24.64
CA ALA A 35 7.58 -16.57 24.10
C ALA A 35 9.07 -16.81 23.80
N VAL A 36 9.60 -17.94 24.25
CA VAL A 36 11.05 -18.25 24.08
C VAL A 36 11.15 -19.53 23.26
N LYS A 37 11.72 -19.44 22.07
CA LYS A 37 11.99 -20.62 21.23
C LYS A 37 13.44 -21.01 21.44
N ILE A 38 13.65 -22.20 21.98
CA ILE A 38 14.99 -22.80 22.24
C ILE A 38 15.27 -23.77 21.10
N PHE A 39 16.29 -23.49 20.31
CA PHE A 39 16.59 -24.26 19.08
C PHE A 39 17.38 -25.52 19.41
N SER A 40 16.98 -26.62 18.79
CA SER A 40 17.82 -27.83 18.65
C SER A 40 19.10 -27.51 17.85
N SER A 41 20.16 -28.25 18.13
CA SER A 41 21.35 -28.37 17.25
C SER A 41 20.87 -28.59 15.81
N ARG A 42 19.89 -29.48 15.61
CA ARG A 42 19.34 -29.88 14.28
C ARG A 42 18.98 -28.63 13.48
N ASP A 43 18.43 -27.62 14.15
CA ASP A 43 17.80 -26.45 13.49
C ASP A 43 18.51 -25.12 13.81
N GLU A 44 19.78 -25.14 14.17
CA GLU A 44 20.55 -23.88 14.44
C GLU A 44 20.41 -22.93 13.26
N LYS A 45 20.36 -23.41 12.01
CA LYS A 45 20.39 -22.46 10.89
C LYS A 45 19.13 -21.60 10.88
N SER A 46 18.01 -22.10 11.37
CA SER A 46 16.75 -21.31 11.44
C SER A 46 16.98 -20.11 12.36
N TRP A 47 17.64 -20.33 13.51
CA TRP A 47 18.01 -19.19 14.40
C TRP A 47 18.88 -18.18 13.66
N PHE A 48 19.93 -18.64 12.94
CA PHE A 48 20.85 -17.72 12.25
C PHE A 48 20.10 -16.96 11.17
N ARG A 49 19.24 -17.62 10.41
CA ARG A 49 18.52 -16.93 9.30
C ARG A 49 17.58 -15.85 9.86
N GLU A 50 16.78 -16.18 10.88
CA GLU A 50 15.81 -15.23 11.43
C GLU A 50 16.58 -14.05 12.03
N THR A 51 17.66 -14.35 12.74
CA THR A 51 18.51 -13.32 13.36
C THR A 51 19.11 -12.45 12.24
N GLU A 52 19.67 -13.03 11.18
CA GLU A 52 20.29 -12.21 10.11
C GLU A 52 19.23 -11.30 9.48
N LEU A 53 18.01 -11.80 9.31
CA LEU A 53 16.91 -11.00 8.69
C LEU A 53 16.59 -9.80 9.60
N TYR A 54 16.39 -10.06 10.88
CA TYR A 54 16.00 -9.00 11.84
C TYR A 54 17.15 -8.01 12.07
N ASN A 55 18.39 -8.46 11.83
CA ASN A 55 19.58 -7.57 11.89
C ASN A 55 19.59 -6.70 10.64
N THR A 56 18.99 -7.17 9.55
CA THR A 56 18.91 -6.41 8.27
C THR A 56 17.73 -5.46 8.30
N VAL A 57 16.58 -5.91 8.81
CA VAL A 57 15.34 -5.08 8.85
C VAL A 57 14.56 -5.48 10.10
N MET A 58 14.30 -4.51 10.96
CA MET A 58 13.50 -4.73 12.17
C MET A 58 12.01 -4.69 11.76
N LEU A 59 11.47 -5.84 11.39
CA LEU A 59 10.09 -5.90 10.89
C LEU A 59 9.19 -5.49 12.05
N ARG A 60 8.22 -4.64 11.79
CA ARG A 60 7.20 -4.29 12.79
C ARG A 60 5.87 -4.18 12.09
N HIS A 61 4.98 -5.12 12.37
CA HIS A 61 3.63 -5.13 11.76
C HIS A 61 2.70 -5.87 12.69
N GLU A 62 1.46 -5.41 12.83
N GLU A 62 1.45 -5.41 12.82
CA GLU A 62 0.45 -6.04 13.73
CA GLU A 62 0.46 -6.05 13.74
C GLU A 62 0.26 -7.53 13.37
C GLU A 62 0.24 -7.53 13.37
N ASN A 63 0.50 -7.93 12.12
CA ASN A 63 0.21 -9.30 11.66
C ASN A 63 1.49 -10.12 11.43
N ILE A 64 2.59 -9.67 12.04
N ILE A 64 2.61 -9.69 12.03
CA ILE A 64 3.89 -10.39 12.09
CA ILE A 64 3.88 -10.46 12.06
C ILE A 64 4.21 -10.61 13.58
C ILE A 64 4.28 -10.61 13.53
N LEU A 65 4.56 -11.83 13.98
CA LEU A 65 4.94 -12.07 15.39
C LEU A 65 6.05 -11.10 15.83
N GLY A 66 5.81 -10.40 16.92
CA GLY A 66 6.69 -9.30 17.34
C GLY A 66 8.02 -9.81 17.86
N PHE A 67 9.10 -9.36 17.24
CA PHE A 67 10.47 -9.70 17.70
C PHE A 67 10.76 -8.95 19.00
N ILE A 68 11.40 -9.67 19.94
CA ILE A 68 12.00 -9.03 21.14
C ILE A 68 13.52 -9.17 21.12
N ALA A 69 14.05 -10.39 21.02
CA ALA A 69 15.50 -10.61 21.14
C ALA A 69 15.92 -11.92 20.48
N SER A 70 17.19 -11.95 20.04
CA SER A 70 17.93 -13.17 19.72
C SER A 70 19.10 -13.29 20.69
N ASP A 71 19.20 -14.42 21.38
CA ASP A 71 20.27 -14.65 22.35
C ASP A 71 21.09 -15.86 21.95
N MET A 72 22.40 -15.71 21.98
CA MET A 72 23.36 -16.80 21.94
C MET A 72 24.13 -16.83 23.27
N THR A 73 24.08 -17.96 23.98
CA THR A 73 24.78 -18.12 25.28
C THR A 73 25.76 -19.29 25.16
N SER A 74 27.02 -19.01 25.49
CA SER A 74 28.11 -20.00 25.57
C SER A 74 27.80 -20.99 26.70
N ARG A 75 27.84 -22.28 26.43
CA ARG A 75 27.75 -23.34 27.48
C ARG A 75 29.03 -24.17 27.43
N HIS A 76 29.30 -25.00 28.45
CA HIS A 76 30.54 -25.80 28.59
C HIS A 76 30.86 -26.48 27.26
N SER A 77 29.89 -27.19 26.70
CA SER A 77 30.09 -28.15 25.60
C SER A 77 29.17 -27.83 24.42
N SER A 78 28.48 -26.68 24.42
CA SER A 78 27.43 -26.40 23.41
C SER A 78 27.14 -24.90 23.37
N THR A 79 26.44 -24.47 22.34
CA THR A 79 25.93 -23.09 22.22
C THR A 79 24.41 -23.12 22.38
N GLN A 80 23.86 -22.29 23.24
CA GLN A 80 22.39 -22.19 23.48
C GLN A 80 21.84 -21.03 22.64
N LEU A 81 20.78 -21.29 21.88
CA LEU A 81 20.21 -20.31 20.94
C LEU A 81 18.74 -20.13 21.26
N TRP A 82 18.38 -18.91 21.63
CA TRP A 82 16.97 -18.57 21.93
C TRP A 82 16.50 -17.46 21.00
N LEU A 83 15.25 -17.54 20.57
CA LEU A 83 14.53 -16.42 19.93
C LEU A 83 13.40 -16.03 20.89
N ILE A 84 13.33 -14.75 21.20
CA ILE A 84 12.32 -14.24 22.18
C ILE A 84 11.37 -13.32 21.43
N THR A 85 10.09 -13.58 21.56
CA THR A 85 9.03 -12.83 20.85
C THR A 85 7.88 -12.49 21.80
N HIS A 86 6.98 -11.67 21.31
CA HIS A 86 5.64 -11.51 21.90
C HIS A 86 5.04 -12.90 22.18
N TYR A 87 4.19 -12.97 23.18
CA TYR A 87 3.50 -14.22 23.55
C TYR A 87 2.01 -14.07 23.23
N HIS A 88 1.47 -15.02 22.48
CA HIS A 88 0.03 -15.03 22.12
C HIS A 88 -0.65 -16.22 22.80
N GLU A 89 -1.34 -15.96 23.93
CA GLU A 89 -1.80 -17.05 24.81
C GLU A 89 -2.82 -17.95 24.09
N MET A 90 -3.48 -17.49 23.03
CA MET A 90 -4.48 -18.33 22.32
C MET A 90 -3.85 -19.39 21.48
N GLY A 91 -2.55 -19.30 21.22
CA GLY A 91 -1.78 -20.30 20.48
C GLY A 91 -1.95 -20.21 18.98
N SER A 92 -1.62 -21.28 18.27
CA SER A 92 -1.59 -21.27 16.80
C SER A 92 -3.00 -21.38 16.23
N LEU A 93 -3.15 -20.90 15.01
CA LEU A 93 -4.40 -21.06 14.24
C LEU A 93 -4.73 -22.54 14.12
N TYR A 94 -3.73 -23.38 13.90
CA TYR A 94 -3.91 -24.84 13.81
C TYR A 94 -4.65 -25.32 15.07
N ASP A 95 -4.21 -24.97 16.27
N ASP A 95 -4.12 -24.95 16.25
CA ASP A 95 -4.87 -25.54 17.48
CA ASP A 95 -4.65 -25.29 17.60
C ASP A 95 -6.20 -24.82 17.71
C ASP A 95 -6.10 -24.81 17.71
N TYR A 96 -6.32 -23.53 17.38
CA TYR A 96 -7.57 -22.79 17.57
C TYR A 96 -8.70 -23.42 16.75
N LEU A 97 -8.40 -23.79 15.50
CA LEU A 97 -9.42 -24.34 14.55
C LEU A 97 -9.86 -25.74 14.99
N GLN A 98 -9.14 -26.43 15.87
CA GLN A 98 -9.48 -27.83 16.23
C GLN A 98 -10.83 -27.86 16.94
N LEU A 99 -11.01 -26.98 17.91
CA LEU A 99 -12.21 -26.93 18.80
C LEU A 99 -13.17 -25.82 18.35
N THR A 100 -12.67 -24.69 17.84
CA THR A 100 -13.50 -23.49 17.62
C THR A 100 -14.11 -23.49 16.22
N THR A 101 -15.40 -23.12 16.12
CA THR A 101 -16.03 -22.73 14.85
C THR A 101 -16.04 -21.21 14.73
N LEU A 102 -16.27 -20.74 13.51
CA LEU A 102 -16.15 -19.31 13.16
C LEU A 102 -17.48 -18.84 12.61
N ASP A 103 -17.78 -17.57 12.80
CA ASP A 103 -18.85 -16.87 12.08
C ASP A 103 -18.20 -16.10 10.93
N THR A 104 -18.99 -15.42 10.14
CA THR A 104 -18.55 -14.73 8.91
C THR A 104 -17.52 -13.65 9.27
N VAL A 105 -17.83 -12.86 10.28
CA VAL A 105 -16.93 -11.75 10.67
C VAL A 105 -15.60 -12.32 11.16
N SER A 106 -15.61 -13.35 12.01
N SER A 106 -15.59 -13.34 12.02
CA SER A 106 -14.39 -13.93 12.62
CA SER A 106 -14.32 -13.88 12.59
C SER A 106 -13.53 -14.62 11.55
C SER A 106 -13.51 -14.57 11.48
N CYS A 107 -14.17 -15.27 10.56
CA CYS A 107 -13.48 -15.92 9.43
C CYS A 107 -12.75 -14.88 8.59
N LEU A 108 -13.43 -13.82 8.16
CA LEU A 108 -12.84 -12.80 7.30
C LEU A 108 -11.72 -12.07 8.06
N ARG A 109 -11.93 -11.83 9.34
CA ARG A 109 -10.92 -11.08 10.13
C ARG A 109 -9.63 -11.91 10.20
N ILE A 110 -9.75 -13.21 10.44
CA ILE A 110 -8.59 -14.12 10.41
C ILE A 110 -7.89 -14.05 9.05
N VAL A 111 -8.60 -14.30 7.95
CA VAL A 111 -7.90 -14.44 6.66
C VAL A 111 -7.39 -13.09 6.18
N LEU A 112 -8.12 -12.00 6.43
CA LEU A 112 -7.62 -10.69 5.97
C LEU A 112 -6.37 -10.32 6.79
N SER A 113 -6.31 -10.65 8.08
CA SER A 113 -5.11 -10.33 8.89
C SER A 113 -3.91 -11.12 8.36
N ILE A 114 -4.13 -12.39 7.95
CA ILE A 114 -2.99 -13.19 7.42
C ILE A 114 -2.51 -12.57 6.11
N ALA A 115 -3.44 -12.23 5.22
CA ALA A 115 -3.13 -11.58 3.91
C ALA A 115 -2.35 -10.27 4.16
N SER A 116 -2.76 -9.52 5.18
N SER A 116 -2.76 -9.51 5.17
CA SER A 116 -2.11 -8.25 5.55
CA SER A 116 -2.09 -8.24 5.52
C SER A 116 -0.65 -8.52 5.95
C SER A 116 -0.64 -8.52 5.93
N GLY A 117 -0.42 -9.48 6.84
CA GLY A 117 0.95 -9.79 7.25
C GLY A 117 1.76 -10.27 6.07
N LEU A 118 1.18 -11.09 5.20
CA LEU A 118 1.94 -11.69 4.08
C LEU A 118 2.29 -10.59 3.06
N ALA A 119 1.36 -9.68 2.74
CA ALA A 119 1.64 -8.57 1.81
C ALA A 119 2.74 -7.70 2.41
N HIS A 120 2.75 -7.52 3.72
CA HIS A 120 3.82 -6.72 4.36
C HIS A 120 5.16 -7.40 4.12
N LEU A 121 5.24 -8.72 4.32
CA LEU A 121 6.50 -9.44 4.04
C LEU A 121 6.86 -9.21 2.56
N HIS A 122 5.94 -9.46 1.65
CA HIS A 122 6.23 -9.54 0.20
C HIS A 122 6.69 -8.20 -0.39
N ILE A 123 6.22 -7.09 0.16
CA ILE A 123 6.37 -5.75 -0.50
C ILE A 123 7.72 -5.15 -0.17
N GLU A 124 8.45 -4.69 -1.19
CA GLU A 124 9.66 -3.88 -0.95
C GLU A 124 9.20 -2.44 -0.67
N ILE A 125 9.72 -1.80 0.37
CA ILE A 125 9.44 -0.36 0.66
C ILE A 125 10.78 0.34 0.50
N PHE A 126 10.88 1.37 -0.34
CA PHE A 126 12.16 2.08 -0.59
C PHE A 126 12.37 3.15 0.48
N GLY A 127 13.64 3.50 0.76
CA GLY A 127 13.99 4.71 1.52
C GLY A 127 14.17 4.41 2.99
N GLY A 130 12.62 1.89 5.05
CA GLY A 130 11.99 0.88 4.16
C GLY A 130 12.32 -0.54 4.56
N LYS A 131 12.17 -1.49 3.64
CA LYS A 131 12.40 -2.94 3.91
C LYS A 131 12.57 -3.65 2.59
N PRO A 132 13.42 -4.69 2.54
CA PRO A 132 13.50 -5.53 1.37
C PRO A 132 12.21 -6.37 1.32
N ALA A 133 11.91 -6.84 0.13
CA ALA A 133 10.85 -7.85 -0.06
C ALA A 133 11.30 -9.13 0.62
N ILE A 134 10.33 -9.87 1.18
CA ILE A 134 10.59 -11.10 1.96
C ILE A 134 9.56 -12.14 1.52
N ALA A 135 10.01 -13.35 1.21
CA ALA A 135 9.13 -14.53 1.06
C ALA A 135 9.31 -15.45 2.27
N HIS A 136 8.23 -15.97 2.80
CA HIS A 136 8.24 -16.75 4.06
C HIS A 136 8.84 -18.14 3.87
N ARG A 137 8.26 -18.91 2.95
CA ARG A 137 8.71 -20.26 2.50
C ARG A 137 8.25 -21.39 3.43
N ASP A 138 7.53 -21.13 4.53
CA ASP A 138 6.95 -22.25 5.31
C ASP A 138 5.61 -21.80 5.95
N LEU A 139 4.78 -21.14 5.16
CA LEU A 139 3.47 -20.66 5.65
C LEU A 139 2.57 -21.87 5.81
N LYS A 140 1.90 -21.94 6.95
CA LYS A 140 0.98 -23.03 7.30
C LYS A 140 0.25 -22.60 8.57
N SER A 141 -0.79 -23.32 8.95
CA SER A 141 -1.63 -22.91 10.10
C SER A 141 -0.89 -23.06 11.43
N LYS A 142 0.12 -23.91 11.52
CA LYS A 142 0.94 -23.98 12.76
C LYS A 142 1.88 -22.79 12.88
N ASN A 143 2.13 -22.05 11.78
CA ASN A 143 3.05 -20.88 11.82
C ASN A 143 2.25 -19.59 11.81
N ILE A 144 1.02 -19.65 12.28
CA ILE A 144 0.14 -18.46 12.42
C ILE A 144 -0.38 -18.50 13.86
N LEU A 145 -0.28 -17.39 14.57
CA LEU A 145 -0.77 -17.27 15.96
CA LEU A 145 -0.77 -17.26 15.96
C LEU A 145 -2.07 -16.45 15.97
N VAL A 146 -2.98 -16.76 16.88
CA VAL A 146 -4.26 -16.05 17.06
C VAL A 146 -4.05 -15.04 18.19
N LYS A 147 -4.38 -13.79 17.92
CA LYS A 147 -4.32 -12.73 18.95
C LYS A 147 -5.69 -12.55 19.61
N LYS A 148 -5.69 -11.96 20.80
CA LYS A 148 -6.95 -11.77 21.56
C LYS A 148 -7.93 -10.89 20.78
N ASN A 149 -7.46 -9.98 19.92
CA ASN A 149 -8.37 -9.09 19.16
C ASN A 149 -8.95 -9.79 17.94
N GLY A 150 -8.66 -11.08 17.72
CA GLY A 150 -9.31 -11.83 16.63
C GLY A 150 -8.50 -11.78 15.35
N GLN A 151 -7.47 -10.94 15.28
CA GLN A 151 -6.54 -10.95 14.13
C GLN A 151 -5.45 -11.97 14.44
N CYS A 152 -4.73 -12.38 13.41
CA CYS A 152 -3.60 -13.32 13.51
C CYS A 152 -2.29 -12.62 13.24
N CYS A 153 -1.18 -13.30 13.51
CA CYS A 153 0.17 -12.88 13.10
C CYS A 153 0.95 -14.07 12.62
N ILE A 154 1.77 -13.82 11.62
CA ILE A 154 2.67 -14.80 10.97
C ILE A 154 3.97 -14.95 11.78
N ALA A 155 4.36 -16.19 12.03
CA ALA A 155 5.54 -16.58 12.80
C ALA A 155 6.50 -17.40 11.93
N ASP A 156 7.74 -17.47 12.40
CA ASP A 156 8.84 -18.37 11.95
C ASP A 156 9.38 -17.93 10.61
N LEU A 157 10.41 -17.07 10.64
CA LEU A 157 11.11 -16.59 9.44
C LEU A 157 12.43 -17.34 9.29
N GLY A 158 12.52 -18.55 9.87
CA GLY A 158 13.75 -19.34 9.78
C GLY A 158 14.08 -19.80 8.38
N LEU A 159 13.13 -19.77 7.45
N LEU A 159 13.13 -19.80 7.43
CA LEU A 159 13.39 -20.20 6.05
CA LEU A 159 13.36 -20.19 6.01
C LEU A 159 13.21 -19.01 5.10
C LEU A 159 13.27 -18.98 5.08
N ALA A 160 12.92 -17.83 5.64
CA ALA A 160 12.55 -16.66 4.81
C ALA A 160 13.74 -16.22 3.97
N VAL A 161 13.43 -15.70 2.80
CA VAL A 161 14.40 -15.18 1.82
C VAL A 161 14.09 -13.71 1.56
N MET A 162 15.16 -12.90 1.56
CA MET A 162 15.09 -11.44 1.30
C MET A 162 15.48 -11.16 -0.16
N HIS A 163 14.91 -10.12 -0.77
CA HIS A 163 15.38 -9.58 -2.08
C HIS A 163 15.57 -8.06 -1.96
N ARG A 177 17.00 -27.20 5.92
CA ARG A 177 15.53 -27.12 6.13
C ARG A 177 14.87 -26.83 4.79
N VAL A 178 13.74 -27.47 4.49
CA VAL A 178 12.87 -27.12 3.35
C VAL A 178 11.47 -26.89 3.90
N GLY A 179 10.57 -26.38 3.09
CA GLY A 179 9.18 -26.14 3.54
C GLY A 179 8.49 -27.44 3.99
N THR A 180 7.39 -27.29 4.71
CA THR A 180 6.51 -28.43 5.09
C THR A 180 5.92 -29.02 3.81
N LYS A 181 6.11 -30.32 3.61
CA LYS A 181 5.81 -30.98 2.31
CA LYS A 181 5.80 -30.99 2.32
C LYS A 181 4.32 -30.84 1.98
N ARG A 182 3.44 -30.98 2.98
CA ARG A 182 1.97 -30.94 2.73
C ARG A 182 1.61 -29.63 2.03
N TYR A 183 2.32 -28.55 2.33
CA TYR A 183 2.02 -27.21 1.82
C TYR A 183 2.82 -26.80 0.61
N MET A 184 3.69 -27.68 0.09
CA MET A 184 4.57 -27.35 -1.04
C MET A 184 3.78 -27.16 -2.33
N ALA A 185 4.06 -26.08 -3.03
CA ALA A 185 3.51 -25.79 -4.35
C ALA A 185 4.05 -26.79 -5.37
N PRO A 186 3.30 -26.99 -6.46
CA PRO A 186 3.65 -27.97 -7.49
C PRO A 186 5.06 -27.78 -8.03
N GLU A 187 5.50 -26.53 -8.27
CA GLU A 187 6.84 -26.23 -8.83
C GLU A 187 7.94 -26.59 -7.84
N VAL A 188 7.64 -26.61 -6.54
CA VAL A 188 8.60 -27.11 -5.53
C VAL A 188 8.68 -28.63 -5.59
N LEU A 189 7.57 -29.31 -5.70
CA LEU A 189 7.53 -30.80 -5.72
C LEU A 189 8.13 -31.32 -7.04
N ASP A 190 7.95 -30.64 -8.17
CA ASP A 190 8.46 -31.14 -9.48
C ASP A 190 9.81 -30.49 -9.79
N GLU A 191 10.33 -29.68 -8.87
CA GLU A 191 11.71 -29.11 -8.88
C GLU A 191 11.93 -28.25 -10.11
N THR A 192 10.86 -27.63 -10.63
CA THR A 192 10.88 -26.69 -11.78
C THR A 192 10.88 -25.25 -11.28
N ILE A 193 10.76 -25.01 -9.97
CA ILE A 193 10.81 -23.61 -9.49
C ILE A 193 12.10 -22.93 -10.00
N GLN A 194 11.97 -21.73 -10.54
CA GLN A 194 13.14 -20.90 -10.97
C GLN A 194 13.81 -20.34 -9.72
N VAL A 195 14.83 -21.03 -9.21
CA VAL A 195 15.40 -20.82 -7.84
C VAL A 195 16.11 -19.47 -7.71
N ASP A 196 16.49 -18.87 -8.83
CA ASP A 196 17.24 -17.58 -8.88
C ASP A 196 16.25 -16.42 -8.86
N CYS A 197 14.95 -16.68 -8.95
CA CYS A 197 13.94 -15.64 -9.27
C CYS A 197 13.07 -15.33 -8.03
N PHE A 198 13.19 -14.15 -7.46
CA PHE A 198 12.53 -13.87 -6.16
C PHE A 198 11.02 -14.07 -6.22
N ASP A 199 10.36 -13.62 -7.30
N ASP A 199 10.41 -13.62 -7.33
CA ASP A 199 8.89 -13.71 -7.44
CA ASP A 199 8.95 -13.70 -7.66
C ASP A 199 8.42 -15.17 -7.33
C ASP A 199 8.44 -15.13 -7.42
N SER A 200 9.27 -16.12 -7.69
CA SER A 200 8.95 -17.57 -7.59
C SER A 200 8.62 -17.89 -6.13
N TYR A 201 9.29 -17.25 -5.19
CA TYR A 201 9.13 -17.61 -3.76
C TYR A 201 7.86 -16.98 -3.22
N LYS A 202 7.49 -15.79 -3.71
N LYS A 202 7.51 -15.78 -3.71
CA LYS A 202 6.20 -15.15 -3.36
CA LYS A 202 6.20 -15.17 -3.37
C LYS A 202 5.08 -16.08 -3.84
C LYS A 202 5.10 -16.12 -3.82
N ARG A 203 5.21 -16.66 -5.03
CA ARG A 203 4.12 -17.50 -5.61
C ARG A 203 4.00 -18.81 -4.82
N VAL A 204 5.08 -19.30 -4.25
CA VAL A 204 5.05 -20.50 -3.36
C VAL A 204 4.28 -20.15 -2.10
N ASP A 205 4.48 -18.95 -1.58
CA ASP A 205 3.72 -18.56 -0.37
C ASP A 205 2.24 -18.45 -0.71
N ILE A 206 1.88 -17.90 -1.85
CA ILE A 206 0.46 -17.71 -2.21
C ILE A 206 -0.26 -19.07 -2.29
N TRP A 207 0.40 -20.07 -2.87
CA TRP A 207 -0.15 -21.45 -2.85
C TRP A 207 -0.48 -21.90 -1.43
N ALA A 208 0.47 -21.74 -0.53
CA ALA A 208 0.34 -22.15 0.89
C ALA A 208 -0.78 -21.32 1.52
N PHE A 209 -0.86 -20.02 1.21
CA PHE A 209 -1.95 -19.16 1.74
C PHE A 209 -3.30 -19.77 1.34
N GLY A 210 -3.44 -20.14 0.08
CA GLY A 210 -4.70 -20.73 -0.37
C GLY A 210 -5.08 -21.97 0.43
N LEU A 211 -4.14 -22.83 0.78
CA LEU A 211 -4.40 -24.01 1.65
C LEU A 211 -4.86 -23.58 3.05
N VAL A 212 -4.23 -22.53 3.60
CA VAL A 212 -4.63 -22.02 4.93
C VAL A 212 -6.05 -21.46 4.83
N LEU A 213 -6.36 -20.77 3.75
N LEU A 213 -6.34 -20.71 3.75
CA LEU A 213 -7.70 -20.18 3.58
CA LEU A 213 -7.71 -20.17 3.50
C LEU A 213 -8.75 -21.30 3.55
C LEU A 213 -8.70 -21.33 3.63
N TRP A 214 -8.43 -22.42 2.89
CA TRP A 214 -9.32 -23.61 2.87
C TRP A 214 -9.46 -24.16 4.29
N GLU A 215 -8.39 -24.25 5.05
CA GLU A 215 -8.46 -24.84 6.44
C GLU A 215 -9.40 -24.00 7.31
N VAL A 216 -9.33 -22.68 7.16
CA VAL A 216 -10.13 -21.73 7.97
C VAL A 216 -11.58 -21.78 7.52
N ALA A 217 -11.82 -21.70 6.21
CA ALA A 217 -13.16 -21.60 5.60
C ALA A 217 -13.98 -22.82 6.03
N ARG A 218 -13.37 -23.99 6.11
CA ARG A 218 -14.09 -25.22 6.54
C ARG A 218 -14.74 -25.02 7.93
N ARG A 219 -14.12 -24.20 8.77
CA ARG A 219 -14.57 -24.03 10.16
C ARG A 219 -15.60 -22.89 10.30
N MET A 220 -15.92 -22.22 9.22
CA MET A 220 -16.95 -21.15 9.20
C MET A 220 -18.35 -21.80 9.05
N VAL A 221 -19.25 -21.52 10.00
CA VAL A 221 -20.62 -22.11 10.01
C VAL A 221 -21.48 -21.38 8.97
N SER A 222 -22.27 -22.12 8.16
CA SER A 222 -23.34 -21.55 7.32
C SER A 222 -24.54 -22.49 7.35
N ASN A 223 -25.74 -21.93 7.54
CA ASN A 223 -27.00 -22.74 7.52
C ASN A 223 -26.84 -23.94 8.44
N GLY A 224 -26.24 -23.74 9.62
CA GLY A 224 -26.10 -24.77 10.65
C GLY A 224 -25.09 -25.84 10.36
N ILE A 225 -24.28 -25.70 9.32
CA ILE A 225 -23.32 -26.74 8.86
C ILE A 225 -21.90 -26.20 9.04
N VAL A 226 -20.99 -27.08 9.42
CA VAL A 226 -19.54 -26.77 9.48
C VAL A 226 -18.77 -28.05 9.16
N GLU A 227 -17.60 -27.97 8.51
CA GLU A 227 -16.75 -29.17 8.37
C GLU A 227 -15.88 -29.31 9.63
N ASP A 228 -15.49 -30.53 9.97
CA ASP A 228 -14.47 -30.81 11.01
C ASP A 228 -13.12 -30.23 10.54
N TYR A 229 -12.27 -29.89 11.48
CA TYR A 229 -10.90 -29.46 11.14
C TYR A 229 -10.20 -30.65 10.46
N LYS A 230 -9.65 -30.38 9.28
CA LYS A 230 -8.69 -31.30 8.63
C LYS A 230 -7.58 -30.49 8.01
N PRO A 231 -6.37 -31.09 7.91
CA PRO A 231 -5.27 -30.44 7.23
C PRO A 231 -5.44 -30.61 5.73
N PRO A 232 -4.80 -29.74 4.93
CA PRO A 232 -4.90 -29.84 3.48
C PRO A 232 -4.47 -31.25 3.01
N PHE A 233 -5.25 -31.83 2.10
CA PHE A 233 -4.98 -33.14 1.43
C PHE A 233 -5.09 -34.33 2.39
N TYR A 234 -5.80 -34.16 3.53
CA TYR A 234 -6.00 -35.21 4.55
C TYR A 234 -6.61 -36.48 3.92
N ASP A 235 -7.31 -36.33 2.81
CA ASP A 235 -8.11 -37.44 2.23
C ASP A 235 -7.32 -38.13 1.12
N VAL A 236 -6.14 -37.65 0.77
CA VAL A 236 -5.39 -38.21 -0.40
C VAL A 236 -3.93 -38.54 -0.10
N VAL A 237 -3.40 -38.16 1.07
CA VAL A 237 -1.99 -38.49 1.45
C VAL A 237 -2.00 -39.01 2.86
N PRO A 238 -0.97 -39.76 3.26
CA PRO A 238 -0.87 -40.20 4.66
C PRO A 238 -0.47 -39.05 5.60
N ASN A 239 -0.49 -39.30 6.92
CA ASN A 239 0.25 -38.42 7.87
C ASN A 239 1.72 -38.39 7.49
N ASP A 240 2.42 -37.27 7.69
CA ASP A 240 3.83 -37.11 7.31
C ASP A 240 4.00 -37.63 5.90
N PRO A 241 3.27 -37.07 4.92
CA PRO A 241 3.35 -37.53 3.55
C PRO A 241 4.79 -37.40 3.03
N SER A 242 5.23 -38.32 2.18
CA SER A 242 6.54 -38.21 1.51
C SER A 242 6.48 -37.13 0.46
N PHE A 243 7.63 -36.69 0.01
CA PHE A 243 7.79 -35.82 -1.16
C PHE A 243 7.08 -36.47 -2.35
N GLU A 244 7.32 -37.77 -2.59
CA GLU A 244 6.66 -38.49 -3.71
C GLU A 244 5.13 -38.50 -3.54
N ASP A 245 4.61 -38.77 -2.35
CA ASP A 245 3.15 -38.80 -2.09
C ASP A 245 2.58 -37.46 -2.54
N MET A 246 3.23 -36.38 -2.15
CA MET A 246 2.72 -35.04 -2.48
C MET A 246 2.84 -34.76 -3.98
N ARG A 247 3.97 -35.12 -4.59
CA ARG A 247 4.15 -34.89 -6.02
C ARG A 247 3.05 -35.58 -6.84
N LYS A 248 2.71 -36.80 -6.52
CA LYS A 248 1.73 -37.58 -7.31
C LYS A 248 0.38 -36.89 -7.23
N VAL A 249 0.00 -36.38 -6.05
CA VAL A 249 -1.30 -35.72 -5.86
C VAL A 249 -1.30 -34.37 -6.56
N VAL A 250 -0.31 -33.54 -6.26
CA VAL A 250 -0.36 -32.11 -6.66
C VAL A 250 0.11 -31.91 -8.11
N CYS A 251 1.13 -32.64 -8.53
CA CYS A 251 1.78 -32.43 -9.85
C CYS A 251 1.21 -33.40 -10.88
N VAL A 252 1.11 -34.69 -10.55
CA VAL A 252 0.79 -35.69 -11.61
C VAL A 252 -0.73 -35.68 -11.81
N ASP A 253 -1.49 -35.84 -10.74
CA ASP A 253 -2.98 -35.90 -10.80
C ASP A 253 -3.58 -34.50 -10.74
N GLN A 254 -2.83 -33.51 -10.29
CA GLN A 254 -3.28 -32.09 -10.25
C GLN A 254 -4.52 -31.96 -9.38
N GLN A 255 -4.55 -32.70 -8.28
CA GLN A 255 -5.64 -32.60 -7.26
C GLN A 255 -5.54 -31.26 -6.52
N ARG A 256 -6.69 -30.79 -6.04
CA ARG A 256 -6.83 -29.61 -5.16
C ARG A 256 -7.81 -29.97 -4.05
N PRO A 257 -7.73 -29.27 -2.90
CA PRO A 257 -8.70 -29.50 -1.84
C PRO A 257 -10.15 -29.35 -2.35
N ASN A 258 -11.02 -30.24 -1.89
N ASN A 258 -11.00 -30.21 -1.78
CA ASN A 258 -12.42 -30.26 -2.34
CA ASN A 258 -12.45 -30.30 -2.07
C ASN A 258 -13.17 -29.13 -1.65
C ASN A 258 -13.15 -29.02 -1.60
N ILE A 259 -14.00 -28.44 -2.43
CA ILE A 259 -14.94 -27.39 -1.97
C ILE A 259 -16.30 -28.02 -1.75
N PRO A 260 -16.79 -28.08 -0.50
CA PRO A 260 -18.08 -28.72 -0.21
C PRO A 260 -19.24 -27.94 -0.83
N ASN A 261 -20.27 -28.68 -1.23
CA ASN A 261 -21.47 -28.09 -1.82
C ASN A 261 -22.05 -26.99 -0.94
N ARG A 262 -22.09 -27.22 0.37
CA ARG A 262 -22.75 -26.26 1.31
C ARG A 262 -22.13 -24.88 1.18
N TRP A 263 -20.88 -24.76 0.79
CA TRP A 263 -20.28 -23.42 0.67
C TRP A 263 -21.05 -22.59 -0.36
N PHE A 264 -21.68 -23.23 -1.37
CA PHE A 264 -22.29 -22.50 -2.51
C PHE A 264 -23.66 -21.92 -2.12
N SER A 265 -24.16 -22.21 -0.93
CA SER A 265 -25.36 -21.55 -0.34
C SER A 265 -24.95 -20.27 0.40
N ASP A 266 -23.66 -20.03 0.62
CA ASP A 266 -23.22 -18.91 1.49
C ASP A 266 -22.41 -17.95 0.65
N PRO A 267 -22.74 -16.64 0.58
CA PRO A 267 -22.02 -15.71 -0.29
C PRO A 267 -20.53 -15.59 0.09
N THR A 268 -20.22 -15.61 1.39
CA THR A 268 -18.84 -15.45 1.90
C THR A 268 -18.03 -16.66 1.46
N LEU A 269 -18.56 -17.86 1.70
CA LEU A 269 -17.77 -19.07 1.36
C LEU A 269 -17.72 -19.24 -0.16
N THR A 270 -18.72 -18.78 -0.92
CA THR A 270 -18.64 -18.77 -2.41
C THR A 270 -17.48 -17.90 -2.88
N SER A 271 -17.35 -16.69 -2.34
CA SER A 271 -16.26 -15.75 -2.68
C SER A 271 -14.91 -16.33 -2.26
N LEU A 272 -14.83 -16.93 -1.09
CA LEU A 272 -13.56 -17.51 -0.58
C LEU A 272 -13.15 -18.73 -1.43
N ALA A 273 -14.08 -19.58 -1.87
CA ALA A 273 -13.75 -20.69 -2.79
C ALA A 273 -13.13 -20.15 -4.07
N LYS A 274 -13.68 -19.08 -4.65
CA LYS A 274 -13.12 -18.44 -5.86
C LYS A 274 -11.69 -17.96 -5.57
N LEU A 275 -11.50 -17.34 -4.42
CA LEU A 275 -10.19 -16.79 -4.03
C LEU A 275 -9.18 -17.92 -3.91
N MET A 276 -9.55 -19.00 -3.24
CA MET A 276 -8.58 -20.10 -3.04
C MET A 276 -8.22 -20.73 -4.39
N LYS A 277 -9.17 -20.91 -5.33
CA LYS A 277 -8.88 -21.37 -6.72
C LYS A 277 -7.77 -20.52 -7.36
N GLU A 278 -7.80 -19.20 -7.15
N GLU A 278 -7.79 -19.20 -7.15
CA GLU A 278 -6.87 -18.27 -7.81
CA GLU A 278 -6.86 -18.26 -7.81
C GLU A 278 -5.50 -18.28 -7.12
C GLU A 278 -5.51 -18.23 -7.09
N CYS A 279 -5.37 -18.97 -6.00
CA CYS A 279 -4.05 -19.23 -5.32
C CYS A 279 -3.45 -20.57 -5.76
N TRP A 280 -4.22 -21.45 -6.41
CA TRP A 280 -3.85 -22.87 -6.69
C TRP A 280 -3.60 -23.18 -8.16
N TYR A 281 -3.52 -22.20 -9.02
CA TYR A 281 -3.18 -22.45 -10.44
C TYR A 281 -1.87 -23.22 -10.51
N GLN A 282 -1.79 -24.18 -11.42
CA GLN A 282 -0.50 -24.90 -11.67
CA GLN A 282 -0.52 -24.92 -11.67
C GLN A 282 0.57 -23.91 -12.10
N ASN A 283 0.21 -22.97 -12.96
CA ASN A 283 1.13 -21.93 -13.46
C ASN A 283 1.33 -20.90 -12.37
N PRO A 284 2.53 -20.77 -11.78
CA PRO A 284 2.75 -19.89 -10.62
C PRO A 284 2.40 -18.45 -10.98
N SER A 285 2.67 -18.05 -12.23
CA SER A 285 2.51 -16.63 -12.60
C SER A 285 1.03 -16.24 -12.75
N ALA A 286 0.10 -17.20 -12.78
CA ALA A 286 -1.36 -16.96 -12.84
C ALA A 286 -1.93 -16.67 -11.45
N ARG A 287 -1.21 -17.07 -10.41
CA ARG A 287 -1.73 -16.95 -9.02
C ARG A 287 -1.89 -15.45 -8.67
N LEU A 288 -2.86 -15.15 -7.85
CA LEU A 288 -3.09 -13.80 -7.30
C LEU A 288 -1.88 -13.39 -6.48
N THR A 289 -1.60 -12.10 -6.41
CA THR A 289 -0.61 -11.49 -5.49
C THR A 289 -1.28 -11.25 -4.14
N ALA A 290 -0.47 -11.15 -3.08
CA ALA A 290 -1.00 -10.90 -1.72
C ALA A 290 -1.79 -9.58 -1.70
N LEU A 291 -1.34 -8.57 -2.44
CA LEU A 291 -2.05 -7.25 -2.46
C LEU A 291 -3.40 -7.44 -3.15
N ARG A 292 -3.45 -8.20 -4.23
CA ARG A 292 -4.75 -8.50 -4.89
C ARG A 292 -5.69 -9.31 -3.96
N ILE A 293 -5.17 -10.27 -3.21
CA ILE A 293 -5.94 -11.03 -2.22
C ILE A 293 -6.52 -10.07 -1.17
N LYS A 294 -5.71 -9.15 -0.63
CA LYS A 294 -6.25 -8.18 0.34
C LYS A 294 -7.41 -7.42 -0.27
N LYS A 295 -7.23 -6.89 -1.47
CA LYS A 295 -8.29 -6.07 -2.09
C LYS A 295 -9.56 -6.93 -2.22
N THR A 296 -9.42 -8.16 -2.71
CA THR A 296 -10.58 -9.06 -2.87
C THR A 296 -11.27 -9.24 -1.53
N LEU A 297 -10.52 -9.46 -0.45
CA LEU A 297 -11.13 -9.77 0.86
C LEU A 297 -11.87 -8.54 1.41
N THR A 298 -11.38 -7.33 1.16
CA THR A 298 -12.05 -6.10 1.70
C THR A 298 -13.37 -5.87 0.97
N LYS A 299 -13.61 -6.48 -0.19
CA LYS A 299 -14.89 -6.35 -0.91
C LYS A 299 -15.81 -7.54 -0.58
N ILE A 300 -15.36 -8.53 0.18
CA ILE A 300 -16.24 -9.66 0.59
C ILE A 300 -17.02 -9.23 1.84
N ASP A 301 -18.36 -9.29 1.73
CA ASP A 301 -19.37 -8.95 2.76
C ASP A 301 -19.44 -7.43 2.96
N ILE B 10 21.11 36.54 -8.17
CA ILE B 10 19.85 36.24 -7.42
C ILE B 10 20.02 36.71 -5.98
N THR B 11 19.02 37.38 -5.43
CA THR B 11 18.99 37.75 -3.99
C THR B 11 17.84 37.01 -3.32
N LEU B 12 18.14 36.20 -2.29
CA LEU B 12 17.11 35.47 -1.49
C LEU B 12 16.60 36.39 -0.37
N LEU B 13 15.32 36.74 -0.40
CA LEU B 13 14.73 37.80 0.47
C LEU B 13 13.92 37.20 1.61
N GLU B 14 13.13 36.16 1.39
CA GLU B 14 12.42 35.53 2.53
C GLU B 14 11.97 34.12 2.21
N CYS B 15 12.04 33.28 3.21
CA CYS B 15 11.56 31.88 3.10
C CYS B 15 10.04 31.87 3.11
N VAL B 16 9.40 31.36 2.06
CA VAL B 16 7.92 31.30 1.99
C VAL B 16 7.43 29.86 2.22
N GLY B 17 8.33 28.93 2.53
CA GLY B 17 7.95 27.53 2.73
C GLY B 17 9.17 26.68 3.08
N LYS B 18 8.98 25.75 4.02
CA LYS B 18 10.05 24.89 4.57
C LYS B 18 9.38 23.59 4.99
N GLY B 19 9.86 22.47 4.48
CA GLY B 19 9.27 21.14 4.71
C GLY B 19 10.30 20.07 4.42
N ARG B 20 9.87 18.81 4.38
CA ARG B 20 10.77 17.67 4.03
C ARG B 20 11.30 17.85 2.60
N TYR B 21 10.52 18.48 1.69
CA TYR B 21 10.90 18.75 0.26
C TYR B 21 12.19 19.58 0.19
N GLY B 22 12.39 20.47 1.14
CA GLY B 22 13.40 21.54 1.05
C GLY B 22 12.78 22.85 1.45
N GLU B 23 13.11 23.91 0.74
CA GLU B 23 12.71 25.29 1.11
C GLU B 23 12.34 26.01 -0.17
N VAL B 24 11.38 26.92 -0.10
CA VAL B 24 11.16 27.85 -1.22
C VAL B 24 11.39 29.26 -0.69
N TRP B 25 12.09 30.05 -1.48
CA TRP B 25 12.42 31.47 -1.18
C TRP B 25 11.80 32.37 -2.22
N ARG B 26 11.24 33.48 -1.74
CA ARG B 26 11.03 34.65 -2.59
C ARG B 26 12.40 35.31 -2.75
N GLY B 27 12.79 35.50 -3.99
CA GLY B 27 14.06 36.15 -4.35
C GLY B 27 13.85 37.24 -5.39
N SER B 28 14.88 38.05 -5.59
CA SER B 28 14.93 39.08 -6.64
C SER B 28 15.99 38.68 -7.65
N TRP B 29 15.69 38.81 -8.94
CA TRP B 29 16.63 38.49 -10.03
C TRP B 29 16.32 39.36 -11.24
N GLN B 30 17.29 40.18 -11.64
CA GLN B 30 17.16 41.12 -12.79
C GLN B 30 15.92 41.99 -12.54
N GLY B 31 15.70 42.45 -11.30
CA GLY B 31 14.61 43.36 -10.93
C GLY B 31 13.23 42.72 -10.76
N GLU B 32 13.07 41.41 -10.98
CA GLU B 32 11.78 40.68 -10.89
C GLU B 32 11.77 39.74 -9.66
N ASN B 33 10.63 39.57 -9.00
CA ASN B 33 10.40 38.51 -7.97
C ASN B 33 10.52 37.16 -8.68
N VAL B 34 11.26 36.24 -8.07
CA VAL B 34 11.32 34.83 -8.55
C VAL B 34 11.16 33.96 -7.34
N ALA B 35 10.73 32.72 -7.57
CA ALA B 35 10.66 31.68 -6.53
C ALA B 35 11.87 30.77 -6.69
N VAL B 36 12.56 30.51 -5.61
CA VAL B 36 13.79 29.69 -5.64
C VAL B 36 13.58 28.52 -4.70
N LYS B 37 13.43 27.33 -5.26
CA LYS B 37 13.30 26.10 -4.46
C LYS B 37 14.69 25.46 -4.31
N ILE B 38 15.05 25.17 -3.08
CA ILE B 38 16.29 24.45 -2.75
C ILE B 38 15.88 23.10 -2.23
N PHE B 39 16.16 22.04 -2.96
CA PHE B 39 15.65 20.70 -2.61
C PHE B 39 16.43 20.11 -1.44
N SER B 40 15.77 19.28 -0.64
CA SER B 40 16.45 18.46 0.37
C SER B 40 17.24 17.40 -0.37
N SER B 41 18.34 16.90 0.17
CA SER B 41 19.12 15.83 -0.52
C SER B 41 18.29 14.54 -0.57
N ARG B 42 17.38 14.36 0.36
CA ARG B 42 16.43 13.22 0.40
C ARG B 42 15.55 13.21 -0.86
N ASP B 43 15.44 14.33 -1.57
N ASP B 43 15.34 14.37 -1.52
CA ASP B 43 14.47 14.45 -2.68
CA ASP B 43 14.41 14.53 -2.67
C ASP B 43 15.20 14.75 -3.99
C ASP B 43 15.20 14.77 -3.98
N GLU B 44 16.46 14.31 -4.09
CA GLU B 44 17.29 14.62 -5.27
C GLU B 44 16.61 14.08 -6.54
N LYS B 45 15.90 12.95 -6.49
CA LYS B 45 15.31 12.36 -7.70
C LYS B 45 14.15 13.25 -8.19
N SER B 46 13.44 13.93 -7.31
CA SER B 46 12.40 14.89 -7.75
C SER B 46 13.03 16.04 -8.52
N TRP B 47 14.13 16.58 -8.01
CA TRP B 47 14.80 17.70 -8.70
C TRP B 47 15.11 17.28 -10.15
N PHE B 48 15.69 16.12 -10.32
CA PHE B 48 16.11 15.69 -11.68
C PHE B 48 14.89 15.47 -12.56
N ARG B 49 13.83 14.86 -12.01
CA ARG B 49 12.62 14.59 -12.79
C ARG B 49 11.96 15.91 -13.24
N GLU B 50 11.85 16.87 -12.33
CA GLU B 50 11.27 18.19 -12.64
C GLU B 50 12.08 18.83 -13.76
N THR B 51 13.40 18.71 -13.70
CA THR B 51 14.32 19.28 -14.71
C THR B 51 14.08 18.60 -16.06
N GLU B 52 13.93 17.30 -16.12
CA GLU B 52 13.58 16.55 -17.36
C GLU B 52 12.27 17.10 -17.91
N LEU B 53 11.26 17.34 -17.06
CA LEU B 53 9.95 17.84 -17.52
C LEU B 53 10.09 19.25 -18.10
N TYR B 54 10.82 20.12 -17.42
CA TYR B 54 10.93 21.54 -17.82
C TYR B 54 11.82 21.71 -19.07
N ASN B 55 12.57 20.69 -19.46
CA ASN B 55 13.34 20.71 -20.73
C ASN B 55 12.38 20.94 -21.91
N THR B 56 11.12 20.52 -21.78
CA THR B 56 10.14 20.56 -22.89
C THR B 56 9.63 21.98 -23.13
N VAL B 57 10.04 22.65 -24.20
CA VAL B 57 9.56 24.03 -24.48
C VAL B 57 8.03 24.06 -24.56
N MET B 58 7.39 23.09 -25.20
CA MET B 58 5.91 23.13 -25.37
C MET B 58 5.15 22.75 -24.08
N LEU B 59 5.83 22.49 -22.96
CA LEU B 59 5.13 22.40 -21.65
C LEU B 59 4.54 23.75 -21.29
N ARG B 60 5.16 24.87 -21.68
CA ARG B 60 4.79 26.22 -21.23
C ARG B 60 3.29 26.44 -21.47
N HIS B 61 2.60 26.93 -20.45
CA HIS B 61 1.14 27.12 -20.49
C HIS B 61 0.77 28.06 -19.35
N GLU B 62 -0.24 28.88 -19.60
CA GLU B 62 -0.73 29.85 -18.60
C GLU B 62 -1.09 29.15 -17.28
N ASN B 63 -1.50 27.86 -17.28
CA ASN B 63 -1.95 27.16 -16.04
C ASN B 63 -0.90 26.11 -15.59
N ILE B 64 0.35 26.23 -15.99
CA ILE B 64 1.52 25.46 -15.47
C ILE B 64 2.55 26.48 -14.97
N LEU B 65 3.09 26.24 -13.79
CA LEU B 65 4.12 27.11 -13.19
C LEU B 65 5.27 27.26 -14.18
N GLY B 66 5.60 28.52 -14.50
CA GLY B 66 6.63 28.84 -15.50
C GLY B 66 8.02 28.70 -14.90
N PHE B 67 8.84 28.00 -15.65
CA PHE B 67 10.23 27.67 -15.38
C PHE B 67 11.18 28.79 -15.84
N ILE B 68 12.18 29.13 -15.04
CA ILE B 68 13.27 30.06 -15.45
C ILE B 68 14.59 29.28 -15.57
N ALA B 69 15.01 28.57 -14.53
CA ALA B 69 16.27 27.80 -14.58
C ALA B 69 16.25 26.67 -13.56
N SER B 70 17.11 25.69 -13.80
CA SER B 70 17.39 24.60 -12.85
C SER B 70 18.89 24.44 -12.74
N ASP B 71 19.38 24.20 -11.54
CA ASP B 71 20.84 24.07 -11.36
C ASP B 71 21.13 22.99 -10.36
N MET B 72 22.17 22.25 -10.65
CA MET B 72 22.87 21.42 -9.65
C MET B 72 24.28 21.99 -9.47
N THR B 73 24.64 22.34 -8.25
CA THR B 73 25.95 22.97 -7.95
C THR B 73 26.66 22.12 -6.92
N SER B 74 27.99 22.06 -7.00
CA SER B 74 28.76 21.29 -6.01
C SER B 74 30.19 21.81 -5.90
N ARG B 75 30.67 21.81 -4.68
CA ARG B 75 32.11 21.85 -4.36
C ARG B 75 32.37 20.78 -3.30
N HIS B 76 33.47 20.06 -3.42
CA HIS B 76 33.83 18.99 -2.49
C HIS B 76 32.63 18.01 -2.43
N SER B 77 32.12 17.67 -1.24
CA SER B 77 31.11 16.60 -1.13
C SER B 77 29.70 17.18 -0.95
N SER B 78 29.55 18.48 -1.04
CA SER B 78 28.27 19.20 -0.81
C SER B 78 27.61 19.45 -2.17
N THR B 79 26.33 19.11 -2.34
CA THR B 79 25.58 19.40 -3.57
C THR B 79 24.35 20.24 -3.21
N GLN B 80 24.07 21.26 -4.01
CA GLN B 80 22.81 22.01 -3.90
C GLN B 80 22.00 21.82 -5.17
N LEU B 81 20.70 21.77 -4.99
CA LEU B 81 19.78 21.53 -6.11
C LEU B 81 18.74 22.63 -6.11
N TRP B 82 18.68 23.38 -7.19
CA TRP B 82 17.90 24.64 -7.31
C TRP B 82 16.88 24.53 -8.42
N LEU B 83 15.65 25.00 -8.18
CA LEU B 83 14.70 25.23 -9.27
C LEU B 83 14.19 26.67 -9.13
N ILE B 84 14.30 27.45 -10.20
CA ILE B 84 13.88 28.87 -10.18
C ILE B 84 12.69 29.04 -11.10
N THR B 85 11.61 29.58 -10.57
CA THR B 85 10.34 29.74 -11.33
C THR B 85 9.85 31.18 -11.20
N HIS B 86 8.78 31.48 -11.92
CA HIS B 86 7.91 32.65 -11.67
C HIS B 86 7.42 32.60 -10.20
N TYR B 87 7.20 33.76 -9.63
CA TYR B 87 6.76 33.92 -8.21
C TYR B 87 5.28 34.31 -8.24
N HIS B 88 4.44 33.69 -7.42
CA HIS B 88 2.99 34.01 -7.29
C HIS B 88 2.71 34.44 -5.87
N GLU B 89 2.72 35.77 -5.64
CA GLU B 89 2.71 36.33 -4.28
C GLU B 89 1.41 36.02 -3.54
N MET B 90 0.34 35.65 -4.25
CA MET B 90 -0.94 35.23 -3.62
C MET B 90 -0.80 33.84 -2.99
N GLY B 91 0.27 33.10 -3.33
CA GLY B 91 0.51 31.81 -2.69
C GLY B 91 -0.29 30.67 -3.32
N SER B 92 -0.40 29.55 -2.62
CA SER B 92 -1.10 28.36 -3.12
C SER B 92 -2.60 28.52 -2.96
N LEU B 93 -3.32 27.69 -3.69
CA LEU B 93 -4.79 27.59 -3.56
C LEU B 93 -5.12 27.20 -2.13
N TYR B 94 -4.35 26.30 -1.53
CA TYR B 94 -4.56 25.91 -0.11
C TYR B 94 -4.53 27.17 0.75
N ASP B 95 -3.49 27.98 0.62
CA ASP B 95 -3.35 29.24 1.40
C ASP B 95 -4.57 30.14 1.15
N TYR B 96 -4.90 30.35 -0.12
CA TYR B 96 -5.96 31.27 -0.58
C TYR B 96 -7.32 30.88 0.00
N LEU B 97 -7.69 29.60 -0.03
CA LEU B 97 -9.02 29.15 0.41
C LEU B 97 -9.16 29.27 1.94
N GLN B 98 -8.06 29.45 2.68
N GLN B 98 -8.07 29.45 2.69
CA GLN B 98 -8.13 29.38 4.17
CA GLN B 98 -8.12 29.36 4.18
C GLN B 98 -9.10 30.46 4.66
C GLN B 98 -8.97 30.50 4.77
N LEU B 99 -8.93 31.67 4.14
CA LEU B 99 -9.66 32.86 4.67
C LEU B 99 -10.38 33.65 3.56
N THR B 100 -10.45 33.17 2.31
CA THR B 100 -11.23 33.82 1.24
C THR B 100 -12.41 32.93 0.88
N THR B 101 -13.60 33.52 0.74
CA THR B 101 -14.75 32.81 0.11
C THR B 101 -14.88 33.23 -1.36
N LEU B 102 -15.65 32.46 -2.13
CA LEU B 102 -15.75 32.61 -3.59
C LEU B 102 -17.19 32.88 -4.00
N ASP B 103 -17.37 33.63 -5.08
CA ASP B 103 -18.68 33.68 -5.74
C ASP B 103 -18.61 32.69 -6.89
N THR B 104 -19.70 32.56 -7.61
CA THR B 104 -19.87 31.59 -8.69
C THR B 104 -18.78 31.81 -9.73
N VAL B 105 -18.59 33.07 -10.16
CA VAL B 105 -17.65 33.39 -11.27
C VAL B 105 -16.22 33.02 -10.86
N SER B 106 -15.83 33.35 -9.64
N SER B 106 -15.83 33.33 -9.62
CA SER B 106 -14.47 33.12 -9.13
CA SER B 106 -14.45 33.16 -9.10
C SER B 106 -14.25 31.62 -8.94
C SER B 106 -14.18 31.69 -8.74
N CYS B 107 -15.22 30.92 -8.39
CA CYS B 107 -15.12 29.45 -8.18
C CYS B 107 -14.94 28.73 -9.52
N LEU B 108 -15.75 29.06 -10.52
CA LEU B 108 -15.63 28.39 -11.85
C LEU B 108 -14.30 28.79 -12.52
N ARG B 109 -13.87 30.04 -12.43
CA ARG B 109 -12.59 30.49 -13.02
C ARG B 109 -11.44 29.66 -12.44
N ILE B 110 -11.42 29.48 -11.12
CA ILE B 110 -10.35 28.68 -10.46
C ILE B 110 -10.38 27.26 -11.00
N VAL B 111 -11.52 26.61 -10.94
CA VAL B 111 -11.52 25.15 -11.25
C VAL B 111 -11.33 24.91 -12.75
N LEU B 112 -11.92 25.74 -13.61
CA LEU B 112 -11.67 25.62 -15.06
C LEU B 112 -10.18 25.81 -15.32
N SER B 113 -9.52 26.75 -14.67
CA SER B 113 -8.09 26.97 -14.96
C SER B 113 -7.27 25.72 -14.59
N ILE B 114 -7.60 25.08 -13.47
CA ILE B 114 -6.91 23.84 -13.03
C ILE B 114 -7.18 22.72 -14.05
N ALA B 115 -8.41 22.61 -14.52
CA ALA B 115 -8.79 21.60 -15.54
C ALA B 115 -8.05 21.87 -16.84
N SER B 116 -7.84 23.14 -17.20
N SER B 116 -7.84 23.15 -17.17
CA SER B 116 -7.15 23.51 -18.44
CA SER B 116 -7.18 23.56 -18.41
C SER B 116 -5.68 23.12 -18.32
C SER B 116 -5.70 23.16 -18.32
N GLY B 117 -5.05 23.44 -17.19
CA GLY B 117 -3.68 23.00 -16.89
C GLY B 117 -3.58 21.48 -16.95
N LEU B 118 -4.52 20.78 -16.36
CA LEU B 118 -4.41 19.30 -16.25
C LEU B 118 -4.63 18.69 -17.63
N ALA B 119 -5.55 19.23 -18.43
CA ALA B 119 -5.83 18.70 -19.78
C ALA B 119 -4.61 18.96 -20.62
N HIS B 120 -3.98 20.12 -20.46
CA HIS B 120 -2.72 20.42 -21.18
C HIS B 120 -1.65 19.39 -20.82
N LEU B 121 -1.48 19.06 -19.56
CA LEU B 121 -0.49 18.02 -19.18
C LEU B 121 -0.85 16.68 -19.85
N HIS B 122 -2.09 16.25 -19.74
CA HIS B 122 -2.51 14.87 -20.10
C HIS B 122 -2.40 14.66 -21.61
N ILE B 123 -2.64 15.70 -22.41
CA ILE B 123 -2.77 15.53 -23.90
C ILE B 123 -1.41 15.78 -24.55
N GLU B 124 -0.97 14.83 -25.36
CA GLU B 124 0.32 14.91 -26.13
C GLU B 124 0.22 15.98 -27.22
N ILE B 125 1.28 16.77 -27.41
CA ILE B 125 1.44 17.73 -28.53
C ILE B 125 2.53 17.16 -29.47
N PHE B 126 2.20 17.05 -30.75
CA PHE B 126 3.06 16.47 -31.82
C PHE B 126 3.79 17.54 -32.62
N GLY B 130 7.81 19.40 -29.47
CA GLY B 130 6.59 18.68 -29.01
C GLY B 130 6.54 18.55 -27.50
N LYS B 131 5.46 17.96 -26.98
CA LYS B 131 5.29 17.67 -25.53
C LYS B 131 4.65 16.31 -25.39
N PRO B 132 5.28 15.40 -24.64
CA PRO B 132 4.66 14.10 -24.40
C PRO B 132 3.38 14.27 -23.56
N ALA B 133 2.53 13.25 -23.54
CA ALA B 133 1.46 13.17 -22.52
C ALA B 133 2.13 13.08 -21.15
N ILE B 134 1.56 13.78 -20.17
CA ILE B 134 2.16 13.88 -18.81
C ILE B 134 1.07 13.65 -17.77
N ALA B 135 1.34 12.76 -16.84
CA ALA B 135 0.53 12.59 -15.61
C ALA B 135 1.34 13.16 -14.46
N HIS B 136 0.68 13.92 -13.58
CA HIS B 136 1.36 14.72 -12.52
C HIS B 136 1.74 13.84 -11.31
N ARG B 137 0.77 13.10 -10.80
CA ARG B 137 0.88 12.11 -9.68
C ARG B 137 0.91 12.75 -8.30
N ASP B 138 0.94 14.07 -8.15
CA ASP B 138 0.81 14.62 -6.80
C ASP B 138 -0.02 15.90 -6.84
N LEU B 139 -1.17 15.86 -7.50
CA LEU B 139 -2.03 17.04 -7.58
C LEU B 139 -2.66 17.26 -6.20
N LYS B 140 -2.62 18.49 -5.72
CA LYS B 140 -3.25 18.85 -4.42
C LYS B 140 -3.26 20.36 -4.29
N SER B 141 -4.04 20.91 -3.35
CA SER B 141 -4.20 22.38 -3.35
C SER B 141 -2.91 23.13 -2.98
N LYS B 142 -1.93 22.48 -2.30
CA LYS B 142 -0.62 23.15 -2.04
C LYS B 142 0.23 23.20 -3.32
N ASN B 143 -0.10 22.38 -4.31
CA ASN B 143 0.67 22.29 -5.57
C ASN B 143 -0.01 23.09 -6.67
N ILE B 144 -0.93 23.95 -6.28
CA ILE B 144 -1.61 24.87 -7.23
C ILE B 144 -1.39 26.29 -6.71
N LEU B 145 -0.96 27.19 -7.59
CA LEU B 145 -0.71 28.57 -7.19
C LEU B 145 -1.81 29.44 -7.77
N VAL B 146 -2.15 30.50 -7.04
CA VAL B 146 -3.18 31.49 -7.50
C VAL B 146 -2.48 32.71 -8.09
N LYS B 147 -2.96 33.14 -9.25
CA LYS B 147 -2.42 34.26 -10.03
C LYS B 147 -3.36 35.45 -9.90
N LYS B 148 -2.79 36.62 -10.08
CA LYS B 148 -3.52 37.90 -9.91
C LYS B 148 -4.71 38.01 -10.86
N ASN B 149 -4.72 37.32 -12.01
CA ASN B 149 -5.92 37.23 -12.89
C ASN B 149 -7.03 36.26 -12.41
N GLY B 150 -6.88 35.60 -11.28
CA GLY B 150 -7.94 34.74 -10.70
C GLY B 150 -7.89 33.32 -11.24
N GLN B 151 -6.96 33.08 -12.14
CA GLN B 151 -6.66 31.70 -12.61
C GLN B 151 -5.52 31.13 -11.78
N CYS B 152 -5.36 29.82 -11.84
CA CYS B 152 -4.34 29.08 -11.08
C CYS B 152 -3.34 28.48 -12.04
N CYS B 153 -2.21 28.08 -11.50
CA CYS B 153 -1.26 27.24 -12.26
C CYS B 153 -0.81 26.06 -11.40
N ILE B 154 -0.62 24.94 -12.07
CA ILE B 154 -0.15 23.68 -11.43
C ILE B 154 1.37 23.69 -11.30
N ALA B 155 1.82 23.26 -10.14
CA ALA B 155 3.26 23.22 -9.76
C ALA B 155 3.67 21.80 -9.37
N ASP B 156 4.97 21.57 -9.37
CA ASP B 156 5.66 20.40 -8.81
C ASP B 156 5.50 19.21 -9.74
N LEU B 157 6.43 19.10 -10.69
CA LEU B 157 6.42 18.00 -11.64
C LEU B 157 7.47 16.94 -11.28
N GLY B 158 7.88 16.84 -10.00
CA GLY B 158 8.92 15.90 -9.58
C GLY B 158 8.50 14.43 -9.60
N LEU B 159 7.20 14.15 -9.61
CA LEU B 159 6.72 12.75 -9.64
C LEU B 159 6.14 12.44 -11.02
N ALA B 160 6.21 13.34 -12.00
CA ALA B 160 5.46 13.18 -13.27
C ALA B 160 5.95 11.95 -14.08
N VAL B 161 5.01 11.37 -14.81
CA VAL B 161 5.21 10.25 -15.77
C VAL B 161 4.91 10.79 -17.16
N MET B 162 5.69 10.34 -18.14
CA MET B 162 5.55 10.85 -19.52
C MET B 162 5.25 9.68 -20.45
N HIS B 163 4.46 9.93 -21.49
CA HIS B 163 4.12 8.87 -22.47
C HIS B 163 4.12 9.47 -23.88
N SER B 164 4.69 8.72 -24.83
CA SER B 164 4.79 9.16 -26.25
C SER B 164 3.98 8.16 -27.08
N GLN B 165 2.91 8.63 -27.71
CA GLN B 165 1.98 7.80 -28.49
C GLN B 165 2.68 7.23 -29.73
N SER B 166 3.52 8.03 -30.41
CA SER B 166 4.16 7.69 -31.71
C SER B 166 5.03 6.45 -31.55
N THR B 167 5.74 6.34 -30.42
CA THR B 167 6.71 5.26 -30.16
C THR B 167 6.25 4.35 -29.05
N ASN B 168 5.05 4.54 -28.53
CA ASN B 168 4.52 3.77 -27.38
C ASN B 168 5.59 3.70 -26.30
N GLN B 169 6.16 4.84 -25.91
CA GLN B 169 7.18 4.83 -24.82
C GLN B 169 6.55 5.43 -23.57
N LEU B 170 6.78 4.75 -22.46
CA LEU B 170 6.33 5.17 -21.12
C LEU B 170 7.56 5.40 -20.27
N ASP B 171 7.71 6.61 -19.74
CA ASP B 171 8.88 6.99 -18.93
C ASP B 171 8.36 7.30 -17.54
N VAL B 172 8.51 6.36 -16.60
CA VAL B 172 7.93 6.44 -15.23
C VAL B 172 8.97 7.05 -14.31
N GLY B 173 10.16 7.28 -14.83
CA GLY B 173 11.26 7.90 -14.10
C GLY B 173 11.77 6.97 -13.03
N ASN B 174 12.69 7.52 -12.24
CA ASN B 174 13.31 6.84 -11.09
C ASN B 174 13.05 7.75 -9.89
N ASN B 175 12.00 7.46 -9.12
CA ASN B 175 11.70 8.29 -7.94
C ASN B 175 10.91 7.43 -6.98
N PRO B 176 11.49 7.12 -5.79
CA PRO B 176 10.80 6.35 -4.75
C PRO B 176 9.76 7.19 -3.99
N ARG B 177 9.78 8.51 -4.19
CA ARG B 177 8.74 9.42 -3.66
C ARG B 177 7.38 8.85 -4.09
N VAL B 178 6.39 9.00 -3.20
CA VAL B 178 4.97 8.69 -3.50
C VAL B 178 4.12 9.94 -3.27
N GLY B 179 2.94 9.89 -3.79
CA GLY B 179 1.99 11.01 -3.70
C GLY B 179 1.62 11.35 -2.26
N THR B 180 1.09 12.54 -2.08
CA THR B 180 0.55 13.01 -0.79
C THR B 180 -0.53 12.05 -0.35
N LYS B 181 -0.43 11.54 0.88
CA LYS B 181 -1.26 10.38 1.28
C LYS B 181 -2.75 10.74 1.22
N ARG B 182 -3.10 11.94 1.67
CA ARG B 182 -4.52 12.35 1.75
C ARG B 182 -5.20 12.33 0.38
N TYR B 183 -4.44 12.53 -0.70
CA TYR B 183 -5.01 12.64 -2.05
C TYR B 183 -4.85 11.34 -2.87
N MET B 184 -4.29 10.27 -2.28
CA MET B 184 -4.02 9.02 -3.02
C MET B 184 -5.34 8.31 -3.40
N ALA B 185 -5.45 7.94 -4.67
CA ALA B 185 -6.57 7.16 -5.22
C ALA B 185 -6.62 5.78 -4.57
N PRO B 186 -7.77 5.12 -4.59
CA PRO B 186 -7.89 3.78 -4.00
C PRO B 186 -6.81 2.83 -4.53
N GLU B 187 -6.58 2.81 -5.83
CA GLU B 187 -5.62 1.85 -6.48
C GLU B 187 -4.20 2.18 -6.05
N VAL B 188 -3.90 3.41 -5.63
CA VAL B 188 -2.57 3.76 -5.10
C VAL B 188 -2.47 3.24 -3.65
N LEU B 189 -3.51 3.46 -2.86
CA LEU B 189 -3.50 3.09 -1.43
C LEU B 189 -3.49 1.56 -1.29
N ASP B 190 -4.12 0.84 -2.19
CA ASP B 190 -4.19 -0.64 -2.07
C ASP B 190 -3.08 -1.25 -2.95
N GLU B 191 -2.32 -0.39 -3.65
CA GLU B 191 -1.13 -0.78 -4.44
C GLU B 191 -1.49 -1.78 -5.54
N THR B 192 -2.71 -1.76 -6.06
CA THR B 192 -3.10 -2.61 -7.20
C THR B 192 -2.95 -1.85 -8.52
N ILE B 193 -2.63 -0.55 -8.47
CA ILE B 193 -2.47 0.25 -9.70
C ILE B 193 -1.57 -0.48 -10.71
N GLN B 194 -1.95 -0.41 -11.97
CA GLN B 194 -1.22 -1.08 -13.08
C GLN B 194 -0.05 -0.17 -13.47
N VAL B 195 1.19 -0.48 -13.05
CA VAL B 195 2.34 0.46 -13.10
C VAL B 195 2.86 0.70 -14.53
N ASP B 196 2.55 -0.17 -15.50
CA ASP B 196 3.05 -0.10 -16.90
C ASP B 196 1.97 0.49 -17.81
N CYS B 197 0.93 1.08 -17.23
CA CYS B 197 -0.23 1.59 -17.98
C CYS B 197 -0.30 3.12 -17.80
N PHE B 198 -0.02 3.88 -18.85
CA PHE B 198 -0.05 5.37 -18.71
C PHE B 198 -1.43 5.83 -18.25
N ASP B 199 -2.51 5.25 -18.78
CA ASP B 199 -3.88 5.69 -18.43
C ASP B 199 -4.07 5.58 -16.91
N SER B 200 -3.42 4.63 -16.25
CA SER B 200 -3.55 4.49 -14.78
C SER B 200 -3.15 5.80 -14.09
N TYR B 201 -2.06 6.40 -14.50
CA TYR B 201 -1.52 7.62 -13.86
C TYR B 201 -2.46 8.80 -14.14
N LYS B 202 -3.00 8.90 -15.36
CA LYS B 202 -3.96 9.98 -15.63
C LYS B 202 -5.15 9.84 -14.67
N ARG B 203 -5.62 8.61 -14.42
CA ARG B 203 -6.80 8.36 -13.59
C ARG B 203 -6.54 8.67 -12.13
N VAL B 204 -5.28 8.58 -11.68
CA VAL B 204 -4.90 9.00 -10.32
C VAL B 204 -5.05 10.52 -10.23
N ASP B 205 -4.61 11.23 -11.26
CA ASP B 205 -4.72 12.72 -11.34
C ASP B 205 -6.20 13.14 -11.26
N ILE B 206 -7.09 12.39 -11.92
CA ILE B 206 -8.53 12.72 -11.94
C ILE B 206 -9.12 12.58 -10.54
N TRP B 207 -8.76 11.51 -9.85
CA TRP B 207 -9.18 11.33 -8.44
C TRP B 207 -8.81 12.55 -7.63
N ALA B 208 -7.53 12.92 -7.67
CA ALA B 208 -7.01 14.03 -6.86
C ALA B 208 -7.68 15.34 -7.28
N PHE B 209 -7.92 15.53 -8.57
CA PHE B 209 -8.59 16.75 -9.05
CA PHE B 209 -8.63 16.73 -9.11
C PHE B 209 -10.01 16.82 -8.44
N GLY B 210 -10.74 15.68 -8.39
CA GLY B 210 -12.07 15.71 -7.74
C GLY B 210 -11.94 16.20 -6.32
N LEU B 211 -10.91 15.76 -5.60
CA LEU B 211 -10.72 16.21 -4.21
C LEU B 211 -10.47 17.73 -4.16
N VAL B 212 -9.68 18.27 -5.09
CA VAL B 212 -9.38 19.73 -5.15
C VAL B 212 -10.69 20.46 -5.49
N LEU B 213 -11.52 19.90 -6.39
N LEU B 213 -11.52 19.88 -6.36
CA LEU B 213 -12.82 20.53 -6.75
CA LEU B 213 -12.79 20.53 -6.77
C LEU B 213 -13.64 20.68 -5.46
C LEU B 213 -13.73 20.61 -5.56
N TRP B 214 -13.71 19.61 -4.69
CA TRP B 214 -14.47 19.60 -3.41
C TRP B 214 -13.91 20.70 -2.49
N GLU B 215 -12.60 20.78 -2.32
CA GLU B 215 -12.02 21.77 -1.39
C GLU B 215 -12.44 23.19 -1.82
N VAL B 216 -12.46 23.43 -3.12
CA VAL B 216 -12.80 24.77 -3.68
C VAL B 216 -14.30 25.03 -3.52
N ALA B 217 -15.13 24.06 -3.90
CA ALA B 217 -16.59 24.26 -3.91
C ALA B 217 -17.11 24.58 -2.53
N ARG B 218 -16.52 24.01 -1.48
CA ARG B 218 -16.91 24.28 -0.08
C ARG B 218 -16.80 25.78 0.19
N ARG B 219 -15.92 26.49 -0.49
CA ARG B 219 -15.63 27.91 -0.19
C ARG B 219 -16.50 28.81 -1.08
N MET B 220 -17.35 28.27 -1.92
CA MET B 220 -18.23 29.10 -2.79
C MET B 220 -19.53 29.36 -2.00
N VAL B 221 -19.88 30.62 -1.84
CA VAL B 221 -21.12 31.01 -1.11
C VAL B 221 -22.36 30.72 -1.98
N SER B 222 -23.37 30.15 -1.34
CA SER B 222 -24.72 30.06 -1.96
C SER B 222 -25.74 30.31 -0.86
N ASN B 223 -26.73 31.13 -1.20
CA ASN B 223 -27.85 31.38 -0.27
C ASN B 223 -27.33 31.82 1.12
N GLY B 224 -26.24 32.61 1.16
CA GLY B 224 -25.66 33.13 2.41
C GLY B 224 -24.92 32.07 3.22
N ILE B 225 -24.63 30.90 2.66
CA ILE B 225 -24.01 29.78 3.43
C ILE B 225 -22.68 29.44 2.74
N VAL B 226 -21.68 29.12 3.55
CA VAL B 226 -20.39 28.61 3.00
C VAL B 226 -19.82 27.64 4.03
N GLU B 227 -19.05 26.65 3.59
CA GLU B 227 -18.35 25.78 4.57
C GLU B 227 -16.97 26.39 4.90
N ASP B 228 -16.48 26.10 6.09
CA ASP B 228 -15.07 26.40 6.45
C ASP B 228 -14.16 25.57 5.53
N TYR B 229 -12.96 26.05 5.30
CA TYR B 229 -11.91 25.28 4.60
C TYR B 229 -11.65 24.03 5.44
N LYS B 230 -11.67 22.87 4.79
CA LYS B 230 -11.17 21.60 5.36
C LYS B 230 -10.42 20.84 4.25
N PRO B 231 -9.36 20.09 4.61
CA PRO B 231 -8.68 19.24 3.63
C PRO B 231 -9.52 17.99 3.41
N PRO B 232 -9.34 17.27 2.29
CA PRO B 232 -10.06 16.02 2.06
C PRO B 232 -9.87 15.05 3.22
N PHE B 233 -10.98 14.47 3.63
CA PHE B 233 -11.07 13.38 4.65
C PHE B 233 -10.73 13.91 6.03
N TYR B 234 -10.79 15.22 6.26
CA TYR B 234 -10.49 15.85 7.57
C TYR B 234 -11.29 15.16 8.68
N ASP B 235 -12.49 14.67 8.39
CA ASP B 235 -13.48 14.26 9.43
C ASP B 235 -13.25 12.80 9.82
N VAL B 236 -12.53 11.99 9.01
CA VAL B 236 -12.56 10.52 9.15
C VAL B 236 -11.16 9.96 9.41
N VAL B 237 -10.10 10.75 9.31
CA VAL B 237 -8.72 10.24 9.59
C VAL B 237 -8.06 11.08 10.67
N PRO B 238 -7.04 10.53 11.36
CA PRO B 238 -6.20 11.32 12.25
C PRO B 238 -5.59 12.53 11.55
N ASN B 239 -5.23 13.53 12.35
CA ASN B 239 -4.28 14.58 11.92
C ASN B 239 -2.99 13.86 11.45
N ASP B 240 -2.41 14.34 10.37
CA ASP B 240 -1.18 13.77 9.81
C ASP B 240 -1.42 12.28 9.56
N PRO B 241 -2.40 11.95 8.70
CA PRO B 241 -2.78 10.57 8.44
C PRO B 241 -1.66 9.75 7.78
N SER B 242 -1.55 8.52 8.21
CA SER B 242 -0.61 7.54 7.59
C SER B 242 -1.22 6.98 6.30
N PHE B 243 -0.38 6.36 5.50
CA PHE B 243 -0.82 5.55 4.35
C PHE B 243 -1.94 4.60 4.79
N GLU B 244 -1.76 3.87 5.89
CA GLU B 244 -2.77 2.89 6.32
C GLU B 244 -4.06 3.58 6.80
N ASP B 245 -3.97 4.77 7.45
CA ASP B 245 -5.19 5.54 7.84
C ASP B 245 -6.01 5.82 6.58
N MET B 246 -5.33 6.27 5.51
CA MET B 246 -6.03 6.62 4.25
C MET B 246 -6.59 5.37 3.60
N ARG B 247 -5.79 4.30 3.54
CA ARG B 247 -6.28 3.03 2.99
C ARG B 247 -7.56 2.60 3.71
N LYS B 248 -7.61 2.74 5.03
CA LYS B 248 -8.79 2.34 5.79
C LYS B 248 -10.02 3.10 5.26
N VAL B 249 -9.94 4.40 5.16
CA VAL B 249 -11.17 5.18 4.88
C VAL B 249 -11.55 5.05 3.40
N VAL B 250 -10.58 5.07 2.49
CA VAL B 250 -10.87 5.10 1.04
C VAL B 250 -11.13 3.68 0.51
N CYS B 251 -10.34 2.70 0.92
CA CYS B 251 -10.39 1.35 0.35
C CYS B 251 -11.30 0.42 1.19
N VAL B 252 -11.18 0.43 2.53
CA VAL B 252 -11.95 -0.51 3.38
C VAL B 252 -13.35 0.09 3.55
N ASP B 253 -13.43 1.34 4.00
CA ASP B 253 -14.71 2.01 4.39
C ASP B 253 -15.41 2.60 3.16
N GLN B 254 -14.77 2.62 1.99
CA GLN B 254 -15.26 3.19 0.69
C GLN B 254 -15.83 4.60 0.90
N GLN B 255 -15.14 5.41 1.70
CA GLN B 255 -15.55 6.79 2.02
C GLN B 255 -15.22 7.71 0.84
N ARG B 256 -16.09 8.66 0.59
CA ARG B 256 -15.85 9.80 -0.30
C ARG B 256 -16.18 11.07 0.46
N PRO B 257 -15.59 12.24 0.11
CA PRO B 257 -15.96 13.48 0.75
C PRO B 257 -17.49 13.66 0.70
N ASN B 258 -18.04 14.16 1.81
CA ASN B 258 -19.50 14.37 1.89
C ASN B 258 -19.85 15.62 1.09
N ILE B 259 -20.99 15.58 0.45
CA ILE B 259 -21.55 16.75 -0.27
C ILE B 259 -22.51 17.48 0.68
N PRO B 260 -22.21 18.72 1.10
CA PRO B 260 -23.13 19.46 1.95
C PRO B 260 -24.49 19.58 1.22
N ASN B 261 -25.59 19.36 1.96
CA ASN B 261 -26.93 19.37 1.35
C ASN B 261 -27.25 20.79 0.82
N ARG B 262 -26.65 21.85 1.35
CA ARG B 262 -26.95 23.22 0.84
C ARG B 262 -26.54 23.33 -0.63
N TRP B 263 -25.58 22.51 -1.09
CA TRP B 263 -25.15 22.59 -2.51
C TRP B 263 -26.32 22.32 -3.47
N PHE B 264 -27.26 21.48 -3.09
CA PHE B 264 -28.32 21.02 -4.01
C PHE B 264 -29.31 22.16 -4.31
N SER B 265 -29.29 23.27 -3.54
CA SER B 265 -30.12 24.48 -3.85
C SER B 265 -29.50 25.34 -4.97
N ASP B 266 -28.22 25.17 -5.23
CA ASP B 266 -27.46 26.03 -6.18
C ASP B 266 -27.11 25.24 -7.43
N PRO B 267 -27.48 25.69 -8.65
CA PRO B 267 -27.21 24.92 -9.86
C PRO B 267 -25.72 24.64 -10.12
N THR B 268 -24.88 25.61 -9.81
CA THR B 268 -23.44 25.50 -10.05
C THR B 268 -22.90 24.40 -9.14
N LEU B 269 -23.17 24.50 -7.85
CA LEU B 269 -22.67 23.51 -6.88
C LEU B 269 -23.29 22.14 -7.13
N THR B 270 -24.51 22.07 -7.61
CA THR B 270 -25.12 20.76 -7.98
C THR B 270 -24.32 20.16 -9.13
N SER B 271 -24.01 20.93 -10.16
CA SER B 271 -23.18 20.49 -11.31
C SER B 271 -21.77 20.10 -10.85
N LEU B 272 -21.16 20.87 -9.97
CA LEU B 272 -19.80 20.51 -9.49
C LEU B 272 -19.86 19.20 -8.68
N ALA B 273 -20.89 19.00 -7.83
CA ALA B 273 -21.02 17.74 -7.05
C ALA B 273 -21.10 16.55 -8.01
N LYS B 274 -21.86 16.71 -9.09
CA LYS B 274 -21.99 15.63 -10.10
C LYS B 274 -20.60 15.34 -10.69
N LEU B 275 -19.83 16.40 -10.98
CA LEU B 275 -18.51 16.24 -11.63
C LEU B 275 -17.55 15.58 -10.64
N MET B 276 -17.57 15.99 -9.38
CA MET B 276 -16.58 15.39 -8.44
C MET B 276 -16.96 13.91 -8.21
N LYS B 277 -18.24 13.52 -8.21
CA LYS B 277 -18.57 12.08 -8.12
C LYS B 277 -18.02 11.29 -9.30
N GLU B 278 -17.97 11.86 -10.50
CA GLU B 278 -17.47 11.16 -11.71
C GLU B 278 -15.93 11.11 -11.70
N CYS B 279 -15.28 11.77 -10.73
CA CYS B 279 -13.81 11.66 -10.50
C CYS B 279 -13.48 10.57 -9.48
N TRP B 280 -14.48 10.10 -8.73
CA TRP B 280 -14.29 9.30 -7.50
C TRP B 280 -14.77 7.85 -7.63
N TYR B 281 -15.09 7.37 -8.83
CA TYR B 281 -15.42 5.94 -8.97
C TYR B 281 -14.25 5.08 -8.49
N GLN B 282 -14.51 3.99 -7.76
CA GLN B 282 -13.43 3.03 -7.40
C GLN B 282 -12.86 2.46 -8.70
N ASN B 283 -13.69 2.23 -9.71
CA ASN B 283 -13.18 1.70 -11.01
C ASN B 283 -12.48 2.85 -11.73
N PRO B 284 -11.14 2.85 -11.88
CA PRO B 284 -10.44 4.00 -12.47
C PRO B 284 -10.91 4.31 -13.89
N SER B 285 -11.24 3.28 -14.68
CA SER B 285 -11.62 3.49 -16.11
C SER B 285 -13.00 4.16 -16.24
N ALA B 286 -13.79 4.21 -15.16
CA ALA B 286 -15.12 4.87 -15.09
C ALA B 286 -14.97 6.39 -14.93
N ARG B 287 -13.79 6.84 -14.50
CA ARG B 287 -13.59 8.27 -14.19
C ARG B 287 -13.61 9.10 -15.47
N LEU B 288 -14.05 10.36 -15.37
CA LEU B 288 -13.97 11.33 -16.48
C LEU B 288 -12.50 11.59 -16.89
N THR B 289 -12.31 12.01 -18.13
CA THR B 289 -10.99 12.49 -18.61
C THR B 289 -10.85 13.97 -18.24
N ALA B 290 -9.61 14.46 -18.17
CA ALA B 290 -9.36 15.89 -17.97
C ALA B 290 -10.04 16.70 -19.07
N LEU B 291 -9.98 16.25 -20.31
CA LEU B 291 -10.61 17.03 -21.42
C LEU B 291 -12.12 17.15 -21.17
N ARG B 292 -12.75 16.07 -20.77
CA ARG B 292 -14.21 16.06 -20.50
C ARG B 292 -14.52 16.98 -19.32
N ILE B 293 -13.69 16.98 -18.28
CA ILE B 293 -13.92 17.89 -17.13
C ILE B 293 -13.83 19.33 -17.62
N LYS B 294 -12.82 19.66 -18.42
CA LYS B 294 -12.64 21.03 -18.96
C LYS B 294 -13.91 21.43 -19.74
N LYS B 295 -14.39 20.56 -20.62
CA LYS B 295 -15.55 20.87 -21.50
C LYS B 295 -16.78 21.08 -20.61
N THR B 296 -16.97 20.26 -19.59
CA THR B 296 -18.12 20.39 -18.65
C THR B 296 -18.05 21.73 -17.91
N LEU B 297 -16.87 22.11 -17.41
CA LEU B 297 -16.69 23.37 -16.67
C LEU B 297 -16.83 24.57 -17.60
N THR B 298 -16.49 24.41 -18.88
CA THR B 298 -16.63 25.50 -19.88
C THR B 298 -18.13 25.77 -20.07
N LYS B 299 -18.98 24.74 -20.00
CA LYS B 299 -20.46 24.84 -20.21
C LYS B 299 -21.20 25.33 -18.94
N ILE B 300 -20.74 24.99 -17.73
CA ILE B 300 -21.39 25.35 -16.43
C ILE B 300 -21.27 26.87 -16.24
N ASP B 301 -22.31 27.48 -15.68
CA ASP B 301 -22.32 28.90 -15.24
C ASP B 301 -23.00 28.93 -13.86
C10 LU8 C . 2.69 -19.55 21.59
C10 LU8 C . 2.63 -19.72 21.13
C13 LU8 C . 0.41 -22.63 22.22
C13 LU8 C . 0.41 -22.83 21.23
C15 LU8 C . -1.04 -23.36 24.10
C15 LU8 C . -0.91 -23.95 23.03
C17 LU8 C . -1.38 -23.21 26.63
C17 LU8 C . -0.93 -26.41 23.88
C20 LU8 C . -3.29 -23.78 25.13
C20 LU8 C . -2.54 -25.71 22.24
C21 LU8 C . -2.48 -22.86 24.20
C21 LU8 C . -1.72 -24.49 21.85
C22 LU8 C . 0.31 -21.24 24.14
C22 LU8 C . 0.43 -21.87 23.43
C24 LU8 C . 3.77 -19.81 20.72
C24 LU8 C . 3.70 -19.93 20.27
C26 LU8 C . 5.40 -19.64 18.06
C26 LU8 C . 5.47 -19.50 17.63
C01 LU8 C . 9.56 -17.60 20.04
C01 LU8 C . 9.41 -17.66 20.11
C03 LU8 C . 7.90 -18.56 18.53
C03 LU8 C . 7.99 -18.73 18.48
C04 LU8 C . 6.85 -18.34 19.44
C04 LU8 C . 6.89 -18.59 19.32
C05 LU8 C . 5.61 -18.92 19.21
C05 LU8 C . 5.63 -19.00 18.91
C06 LU8 C . 4.48 -18.72 20.18
C06 LU8 C . 4.46 -18.84 19.83
C07 LU8 C . 4.15 -17.43 20.54
C07 LU8 C . 4.15 -17.56 20.32
C09 LU8 C . 2.44 -18.21 21.89
C09 LU8 C . 2.38 -18.42 21.55
C11 LU8 C . 1.75 -20.57 22.26
C11 LU8 C . 1.73 -20.82 21.64
C12 LU8 C . 1.30 -21.71 21.61
C12 LU8 C . 1.25 -21.81 20.77
C14 LU8 C . -0.11 -22.38 23.48
C14 LU8 C . 0.00 -22.87 22.55
C16 LU8 C . -0.51 -23.76 25.49
C16 LU8 C . -0.11 -25.11 23.68
C19 LU8 C . -2.62 -25.24 27.01
C19 LU8 C . -0.68 -27.11 21.56
C23 LU8 C . 1.23 -20.35 23.54
C23 LU8 C . 1.30 -20.86 22.97
C25 LU8 C . 4.14 -21.24 20.37
C25 LU8 C . 4.02 -21.33 19.83
C27 LU8 C . 6.44 -19.84 17.14
C27 LU8 C . 6.58 -19.63 16.80
C29 LU8 C . 4.98 -20.79 15.41
C29 LU8 C . 5.40 -21.00 15.20
C30 LU8 C . 7.68 -19.31 17.41
C30 LU8 C . 7.83 -19.25 17.23
C32 LU8 C . 9.05 -18.40 15.66
C32 LU8 C . 9.24 -18.23 15.64
N08 LU8 C . 3.10 -17.20 21.38
N08 LU8 C . 3.10 -17.37 21.16
N18 LU8 C . -2.72 -23.85 26.52
N18 LU8 C . -1.64 -26.79 22.64
O02 LU8 C . 9.17 -18.02 18.73
O02 LU8 C . 9.26 -18.35 18.88
O28 LU8 C . 6.29 -20.53 15.97
O28 LU8 C . 6.49 -20.12 15.52
O31 LU8 C . 8.70 -19.49 16.50
O31 LU8 C . 8.91 -19.38 16.40
C1 EDO D . 2.97 -8.14 16.72
O1 EDO D . 2.71 -7.26 17.82
C2 EDO D . 2.44 -9.48 17.00
O2 EDO D . 3.18 -10.17 17.97
C1 EDO E . -8.86 -33.81 -3.24
O1 EDO E . -9.71 -34.77 -2.58
C2 EDO E . -7.62 -33.40 -2.52
O2 EDO E . -7.64 -33.30 -1.04
C1 EDO F . 4.89 -38.91 -14.31
O1 EDO F . 3.93 -39.96 -14.20
C2 EDO F . 5.55 -38.55 -13.02
O2 EDO F . 5.36 -39.49 -11.98
C1 EDO G . -3.23 -36.96 6.88
O1 EDO G . -3.15 -36.52 5.51
C2 EDO G . -4.54 -37.51 7.37
O2 EDO G . -5.14 -38.59 6.61
S DMS H . 5.09 -3.79 23.62
O DMS H . 6.63 -3.78 23.60
C1 DMS H . 4.58 -2.25 24.22
C2 DMS H . 4.50 -3.67 21.97
O1 TLA I . 27.12 -23.81 32.07
O11 TLA I . 27.95 -25.35 30.71
C1 TLA I . 27.01 -24.72 31.22
C2 TLA I . 25.58 -25.07 30.74
O2 TLA I . 24.73 -25.32 31.85
C3 TLA I . 25.58 -26.28 29.78
O3 TLA I . 26.69 -27.12 30.01
C4 TLA I . 24.26 -27.05 29.87
O4 TLA I . 23.47 -26.95 28.90
O41 TLA I . 24.05 -27.72 30.91
C10 LU8 J . 17.94 -2.99 27.80
C13 LU8 J . 18.07 -0.26 25.27
C15 LU8 J . 19.37 1.81 24.90
C17 LU8 J . 19.34 4.31 24.68
C20 LU8 J . 21.13 3.13 23.64
C21 LU8 J . 20.83 1.88 24.49
C22 LU8 J . 19.70 0.21 26.92
C24 LU8 J . 17.96 -4.26 27.20
C26 LU8 J . 19.07 -7.21 27.26
C01 LU8 J . 14.60 -9.36 26.73
C03 LU8 J . 16.97 -8.95 27.14
C04 LU8 J . 16.68 -7.66 27.54
C05 LU8 J . 17.75 -6.78 27.56
C06 LU8 J . 17.65 -5.36 27.98
C07 LU8 J . 17.38 -5.20 29.35
C09 LU8 J . 17.59 -2.88 29.16
C11 LU8 J . 18.26 -1.76 27.09
C12 LU8 J . 17.65 -1.40 25.91
C14 LU8 J . 19.08 0.58 25.73
C16 LU8 J . 19.06 3.12 25.60
C19 LU8 J . 21.14 5.57 23.63
C23 LU8 J . 19.30 -0.95 27.59
C25 LU8 J . 18.30 -4.44 25.74
C27 LU8 J . 19.34 -8.51 26.88
C29 LU8 J . 21.72 -8.07 26.52
C30 LU8 J . 18.27 -9.36 26.83
C32 LU8 J . 18.11 -11.16 25.28
N08 LU8 J . 17.30 -3.99 29.89
N18 LU8 J . 20.77 4.36 24.39
O02 LU8 J . 15.93 -9.85 27.03
O28 LU8 J . 20.62 -9.00 26.57
O31 LU8 J . 18.53 -10.67 26.52
C10 LU8 K . 14.89 0.85 26.33
C13 LU8 K . 15.44 4.36 24.93
C15 LU8 K . 15.94 5.09 22.50
C17 LU8 K . 15.22 7.50 21.79
C20 LU8 K . 17.29 6.43 20.96
C21 LU8 K . 17.36 5.56 22.21
C22 LU8 K . 15.71 2.76 23.17
C24 LU8 K . 14.03 -0.25 26.04
C26 LU8 K . 13.36 -3.45 25.74
C01 LU8 K . 9.08 -2.64 28.16
C03 LU8 K . 10.82 -3.49 26.73
C04 LU8 K . 11.68 -2.48 27.11
C05 LU8 K . 12.96 -2.43 26.63
C06 LU8 K . 13.86 -1.31 26.96
C07 LU8 K . 14.56 -1.24 28.14
C09 LU8 K . 15.54 0.79 27.54
C11 LU8 K . 15.13 2.03 25.42
C12 LU8 K . 15.19 3.37 25.86
C14 LU8 K . 15.74 4.08 23.58
C16 LU8 K . 14.99 6.27 22.70
C19 LU8 K . 17.39 8.56 22.21
C23 LU8 K . 15.44 1.76 24.09
C25 LU8 K . 13.20 -0.25 24.77
C27 LU8 K . 12.52 -4.46 25.39
C29 LU8 K . 14.15 -5.60 24.01
C30 LU8 K . 11.22 -4.46 25.84
C32 LU8 K . 10.32 -6.72 26.01
N08 LU8 K . 15.38 -0.21 28.40
N18 LU8 K . 16.59 7.71 21.28
O02 LU8 K . 9.55 -3.62 27.20
O28 LU8 K . 12.81 -5.46 24.51
O31 LU8 K . 10.34 -5.43 25.46
O01 XJV L . 8.34 -3.69 9.01
C02 XJV L . 9.08 -2.79 8.79
N03 XJV L . 10.23 -2.36 9.50
C04 XJV L . 10.84 -1.23 8.84
C05 XJV L . 9.93 -0.86 7.73
N06 XJV L . 8.93 -1.90 7.66
O01 XJV M . 3.73 -10.40 24.33
C02 XJV M . 4.45 -9.51 24.59
N03 XJV M . 5.74 -9.61 25.29
C04 XJV M . 6.30 -8.30 25.46
C05 XJV M . 5.39 -7.36 24.75
N06 XJV M . 4.27 -8.09 24.24
S SO4 N . -2.50 -10.91 22.44
O1 SO4 N . -1.47 -10.09 21.84
O2 SO4 N . -3.78 -10.32 22.16
O3 SO4 N . -2.46 -12.25 21.91
O4 SO4 N . -2.31 -11.03 23.86
S SO4 O . -19.75 -32.48 -0.40
O1 SO4 O . -20.12 -31.54 -1.45
O2 SO4 O . -20.30 -32.08 0.83
O3 SO4 O . -18.33 -32.50 -0.30
O4 SO4 O . -20.18 -33.81 -0.77
S SO4 P . 2.15 -33.57 8.40
O1 SO4 P . 1.93 -32.57 7.37
O2 SO4 P . 1.27 -34.72 8.25
O3 SO4 P . 1.90 -32.96 9.69
O4 SO4 P . 3.55 -34.00 8.32
C1 EDO Q . 24.98 3.62 27.14
O1 EDO Q . 24.79 3.92 28.51
C2 EDO Q . 23.99 2.64 26.62
O2 EDO Q . 23.46 1.79 27.62
C1 EDO R . -27.98 -25.44 1.78
O1 EDO R . -28.74 -24.36 1.27
C2 EDO R . -26.69 -25.07 2.42
O2 EDO R . -26.32 -25.95 3.46
C1 EDO S . 7.57 -31.08 14.92
O1 EDO S . 7.92 -32.36 15.43
C2 EDO S . 8.41 -30.77 13.76
O2 EDO S . 9.22 -29.63 13.96
C1 EDO T . -14.58 -35.93 6.33
O1 EDO T . -14.31 -36.12 4.94
C2 EDO T . -14.47 -34.51 6.78
O2 EDO T . -14.94 -33.54 5.83
C10 LU8 U . 4.85 30.53 -3.74
C13 LU8 U . 3.99 32.65 -0.77
C15 LU8 U . 2.64 32.36 1.25
C17 LU8 U . 0.65 32.53 2.84
C20 LU8 U . 2.83 31.84 3.75
C21 LU8 U . 3.49 31.77 2.37
C22 LU8 U . 2.90 30.51 -0.49
C24 LU8 U . 5.42 29.24 -3.94
C26 LU8 U . 5.71 26.45 -5.44
C01 LU8 U . 10.37 27.26 -7.19
C03 LU8 U . 8.23 26.30 -6.51
C04 LU8 U . 7.73 27.58 -6.19
C05 LU8 U . 6.45 27.63 -5.63
C06 LU8 U . 5.86 28.97 -5.27
C07 LU8 U . 5.79 29.94 -6.26
C09 LU8 U . 4.77 31.41 -4.80
C11 LU8 U . 4.28 30.97 -2.43
C12 LU8 U . 4.56 32.25 -1.98
C14 LU8 U . 3.19 31.82 -0.03
C16 LU8 U . 1.19 31.95 1.50
C19 LU8 U . 2.33 34.20 3.59
C23 LU8 U . 3.48 30.09 -1.67
C25 LU8 U . 5.55 28.26 -2.82
C27 LU8 U . 6.24 25.22 -5.77
C29 LU8 U . 4.26 24.10 -4.95
C30 LU8 U . 7.49 25.17 -6.30
C32 LU8 U . 7.94 23.55 -7.97
N08 LU8 U . 5.23 31.16 -6.05
N18 LU8 U . 1.76 32.83 3.78
O02 LU8 U . 9.49 26.15 -7.10
O28 LU8 U . 5.53 24.05 -5.60
O31 LU8 U . 8.01 23.92 -6.61
S SO4 V . 0.97 36.79 -10.87
O1 SO4 V . 1.76 37.80 -10.22
O2 SO4 V . -0.21 37.37 -11.46
O3 SO4 V . 1.73 36.16 -11.93
O4 SO4 V . 0.64 35.84 -9.87
C1 EDO W . -16.74 11.14 4.46
O1 EDO W . -17.16 11.42 5.83
C2 EDO W . -15.29 11.37 4.19
O2 EDO W . -14.77 12.70 4.51
S DMS X . -18.65 17.57 -27.06
O DMS X . -18.36 18.38 -25.82
C1 DMS X . -17.15 16.76 -27.52
C2 DMS X . -19.58 16.14 -26.57
O01 XJV Y . -1.96 18.91 1.74
O01 XJV Y . -2.34 20.35 -0.55
C02 XJV Y . -3.09 19.24 1.88
C02 XJV Y . -2.85 20.05 0.44
N03 XJV Y . -3.78 20.31 1.13
N03 XJV Y . -4.10 20.63 0.85
C04 XJV Y . -5.14 20.39 1.60
C04 XJV Y . -4.58 20.03 2.08
C05 XJV Y . -5.31 19.36 2.68
C05 XJV Y . -3.48 19.08 2.56
N06 XJV Y . -4.06 18.67 2.84
N06 XJV Y . -2.44 19.07 1.49
O01 XJV Z . 8.87 2.78 -31.80
C02 XJV Z . 8.40 1.72 -31.51
N03 XJV Z . 8.19 0.58 -32.38
C04 XJV Z . 7.59 -0.48 -31.63
C05 XJV Z . 7.39 0.01 -30.22
N06 XJV Z . 7.92 1.34 -30.16
O01 XJV AA . 2.96 2.73 -22.67
C02 XJV AA . 3.57 1.73 -22.55
N03 XJV AA . 4.67 1.26 -23.41
C04 XJV AA . 5.11 -0.02 -22.94
C05 XJV AA . 4.25 -0.38 -21.76
N06 XJV AA . 3.34 0.72 -21.56
O01 XJV BA . 12.41 36.56 -14.55
C02 XJV BA . 13.54 36.31 -14.84
N03 XJV BA . 14.72 36.58 -14.01
C04 XJV BA . 15.91 36.13 -14.71
C05 XJV BA . 15.48 35.59 -16.04
N06 XJV BA . 14.04 35.67 -16.10
S SO4 CA . 0.95 18.17 2.93
O1 SO4 CA . 1.52 19.40 3.46
O2 SO4 CA . 0.20 18.46 1.72
O3 SO4 CA . 0.09 17.56 3.93
O4 SO4 CA . 2.03 17.26 2.62
C1 EDO DA . 2.18 30.77 -15.65
O1 EDO DA . 2.54 29.91 -16.69
C2 EDO DA . 2.66 30.42 -14.30
O2 EDO DA . 3.91 30.91 -13.88
C1 EDO EA . -17.03 1.92 -8.49
O1 EDO EA . -16.66 2.22 -9.85
C2 EDO EA . -18.11 2.79 -7.91
O2 EDO EA . -17.63 3.91 -7.20
C1 EDO FA . -20.60 35.28 3.07
O1 EDO FA . -21.91 35.26 2.53
C2 EDO FA . -20.29 34.13 3.99
O2 EDO FA . -21.44 33.44 4.50
#